data_5F4Q
#
_entry.id   5F4Q
#
_cell.length_a   73.150
_cell.length_b   73.150
_cell.length_c   163.100
_cell.angle_alpha   90.00
_cell.angle_beta   90.00
_cell.angle_gamma   90.00
#
_symmetry.space_group_name_H-M   'P 41'
#
loop_
_entity.id
_entity.type
_entity.pdbx_description
1 polymer 'Sperm-egg fusion protein Juno'
2 non-polymer 2-acetamido-2-deoxy-beta-D-glucopyranose
3 non-polymer 'CHLORIDE ION'
4 non-polymer GLYCEROL
5 water water
#
_entity_poly.entity_id   1
_entity_poly.type   'polypeptide(L)'
_entity_poly.pdbx_seq_one_letter_code
;GDELLNICMNAKHHKRVPSPEDKLYEECIPWKDNACCTLTTSWEAHLDVSPLYNFSLFHCGLLMPGCRKHFIQAICFYEC
SPNLGPWIQPVGSLGWEVAPSGQGERVVNVPLCQEDCEEWWEDCRMSYTCKSNWRGGWDWSQGKNRCPKGAQCLPFSHYF
PTPADLCEKTWSNSFKASPERRNSGRCLQKWFEPAQGNPNVAVARLFASGRLVPR
;
_entity_poly.pdbx_strand_id   A,B,C,D
#
# COMPACT_ATOMS: atom_id res chain seq x y z
N GLY A 1 -10.47 -2.37 -30.05
CA GLY A 1 -11.58 -3.32 -29.96
C GLY A 1 -11.74 -3.95 -28.58
N ASP A 2 -12.09 -3.13 -27.59
CA ASP A 2 -12.19 -3.57 -26.21
C ASP A 2 -13.15 -2.64 -25.48
N GLU A 3 -13.84 -3.21 -24.48
CA GLU A 3 -14.92 -2.52 -23.77
C GLU A 3 -14.42 -1.34 -22.95
N LEU A 4 -13.15 -1.36 -22.54
CA LEU A 4 -12.59 -0.34 -21.68
C LEU A 4 -12.08 0.89 -22.43
N LEU A 5 -12.14 0.87 -23.76
CA LEU A 5 -11.71 1.98 -24.59
C LEU A 5 -12.86 2.94 -24.82
N ASN A 6 -12.55 4.23 -24.82
CA ASN A 6 -13.51 5.27 -25.24
C ASN A 6 -14.82 5.13 -24.47
N ILE A 7 -14.72 5.09 -23.15
CA ILE A 7 -15.87 5.10 -22.29
C ILE A 7 -15.69 6.18 -21.24
N CYS A 8 -16.81 6.60 -20.68
CA CYS A 8 -16.86 7.57 -19.60
C CYS A 8 -17.39 6.87 -18.36
N MET A 9 -16.82 7.22 -17.21
CA MET A 9 -17.24 6.67 -15.94
C MET A 9 -18.65 7.13 -15.57
N ASN A 10 -19.36 6.28 -14.83
CA ASN A 10 -20.73 6.56 -14.39
C ASN A 10 -20.65 7.44 -13.16
N ALA A 11 -20.44 8.74 -13.42
CA ALA A 11 -20.39 9.75 -12.38
C ALA A 11 -21.37 10.88 -12.75
N LYS A 12 -21.47 11.88 -11.88
CA LYS A 12 -22.62 12.78 -11.83
C LYS A 12 -22.86 13.51 -13.14
N HIS A 13 -21.81 14.14 -13.68
CA HIS A 13 -21.91 15.01 -14.84
C HIS A 13 -21.34 14.38 -16.10
N HIS A 14 -20.65 13.25 -15.97
CA HIS A 14 -19.98 12.66 -17.12
C HIS A 14 -21.01 12.40 -18.21
N LYS A 15 -20.66 12.74 -19.43
CA LYS A 15 -21.46 12.28 -20.55
C LYS A 15 -21.41 10.76 -20.60
N ARG A 16 -22.51 10.18 -21.08
CA ARG A 16 -22.66 8.73 -21.11
C ARG A 16 -21.71 8.07 -22.11
N VAL A 17 -21.44 8.71 -23.25
CA VAL A 17 -20.44 8.24 -24.20
C VAL A 17 -19.58 9.45 -24.54
N PRO A 18 -18.30 9.29 -24.88
CA PRO A 18 -17.51 10.46 -25.29
C PRO A 18 -17.89 10.93 -26.67
N SER A 19 -17.60 12.21 -26.93
CA SER A 19 -17.92 12.83 -28.21
C SER A 19 -17.26 14.20 -28.25
N PRO A 20 -17.05 14.75 -29.44
CA PRO A 20 -16.36 16.04 -29.54
C PRO A 20 -17.15 17.15 -28.86
N GLU A 21 -16.41 18.15 -28.39
CA GLU A 21 -17.02 19.36 -27.85
C GLU A 21 -16.36 20.54 -28.55
N ASP A 22 -17.14 21.26 -29.38
CA ASP A 22 -16.57 22.38 -30.14
C ASP A 22 -15.95 23.42 -29.22
N LYS A 23 -16.52 23.62 -28.03
CA LYS A 23 -16.09 24.64 -27.09
C LYS A 23 -15.92 23.99 -25.72
N LEU A 24 -14.70 24.03 -25.21
CA LEU A 24 -14.40 23.74 -23.81
C LEU A 24 -13.52 24.87 -23.29
N TYR A 25 -13.80 25.31 -22.06
CA TYR A 25 -13.03 26.42 -21.49
C TYR A 25 -11.62 25.98 -21.25
N GLU A 26 -10.77 26.93 -20.98
CA GLU A 26 -9.31 26.97 -21.07
C GLU A 26 -8.49 25.72 -20.81
N GLU A 27 -8.62 25.14 -19.63
CA GLU A 27 -7.71 24.11 -19.16
C GLU A 27 -8.25 22.79 -19.64
N CYS A 28 -9.46 22.77 -20.19
CA CYS A 28 -10.14 21.57 -20.68
C CYS A 28 -9.96 21.39 -22.18
N ILE A 29 -9.33 22.36 -22.83
CA ILE A 29 -9.23 22.37 -24.29
C ILE A 29 -8.60 21.08 -24.83
N PRO A 30 -7.56 20.49 -24.20
CA PRO A 30 -6.93 19.33 -24.82
C PRO A 30 -7.88 18.21 -25.21
N TRP A 31 -9.04 18.13 -24.55
CA TRP A 31 -10.01 17.06 -24.76
C TRP A 31 -11.13 17.44 -25.72
N LYS A 32 -11.01 18.56 -26.45
CA LYS A 32 -12.06 19.02 -27.35
C LYS A 32 -12.44 17.96 -28.38
N ASP A 33 -11.46 17.22 -28.90
CA ASP A 33 -11.73 16.25 -29.96
C ASP A 33 -12.58 15.08 -29.50
N ASN A 34 -12.62 14.81 -28.21
CA ASN A 34 -13.38 13.67 -27.72
C ASN A 34 -13.43 13.73 -26.20
N ALA A 35 -14.54 14.20 -25.66
CA ALA A 35 -14.60 14.54 -24.24
C ALA A 35 -15.78 13.88 -23.53
N CYS A 36 -15.52 13.43 -22.31
CA CYS A 36 -16.52 12.94 -21.35
C CYS A 36 -17.19 14.07 -20.58
N CYS A 37 -16.74 15.29 -20.79
CA CYS A 37 -17.19 16.47 -20.07
C CYS A 37 -17.99 17.36 -21.01
N THR A 38 -19.09 17.91 -20.51
CA THR A 38 -19.87 18.91 -21.23
C THR A 38 -19.20 20.29 -21.12
N LEU A 39 -19.73 21.21 -21.94
CA LEU A 39 -19.30 22.60 -21.87
C LEU A 39 -19.45 23.18 -20.45
N THR A 40 -20.61 22.97 -19.83
CA THR A 40 -20.80 23.55 -18.50
C THR A 40 -19.85 22.93 -17.49
N THR A 41 -19.52 21.65 -17.64
CA THR A 41 -18.52 21.05 -16.76
C THR A 41 -17.20 21.78 -16.88
N SER A 42 -16.78 22.08 -18.12
CA SER A 42 -15.53 22.80 -18.31
C SER A 42 -15.61 24.22 -17.74
N TRP A 43 -16.79 24.85 -17.79
CA TRP A 43 -16.98 26.13 -17.11
C TRP A 43 -16.83 25.98 -15.59
N GLU A 44 -17.61 25.08 -14.99
CA GLU A 44 -17.61 24.97 -13.53
C GLU A 44 -16.24 24.57 -13.02
N ALA A 45 -15.45 23.86 -13.82
CA ALA A 45 -14.09 23.54 -13.39
C ALA A 45 -13.24 24.78 -13.21
N HIS A 46 -13.64 25.92 -13.78
CA HIS A 46 -12.83 27.13 -13.68
C HIS A 46 -13.38 28.13 -12.70
N LEU A 47 -14.48 27.81 -12.00
CA LEU A 47 -15.06 28.75 -11.06
C LEU A 47 -14.21 28.81 -9.80
N ASP A 48 -14.34 29.93 -9.08
CA ASP A 48 -13.49 30.16 -7.92
C ASP A 48 -13.54 28.99 -6.96
N VAL A 49 -14.74 28.57 -6.57
CA VAL A 49 -14.95 27.32 -5.85
C VAL A 49 -15.94 26.51 -6.66
N SER A 50 -15.49 25.40 -7.23
CA SER A 50 -16.28 24.69 -8.23
C SER A 50 -17.45 23.97 -7.56
N PRO A 51 -18.65 24.01 -8.16
CA PRO A 51 -19.73 23.16 -7.67
C PRO A 51 -19.60 21.70 -8.09
N LEU A 52 -18.59 21.35 -8.88
CA LEU A 52 -18.44 19.96 -9.24
C LEU A 52 -18.36 19.10 -7.97
N TYR A 53 -17.65 19.60 -6.95
CA TYR A 53 -17.51 18.91 -5.67
C TYR A 53 -17.73 19.79 -4.44
N ASN A 54 -18.06 21.09 -4.60
CA ASN A 54 -17.99 22.10 -3.53
C ASN A 54 -16.79 21.89 -2.62
N PHE A 55 -15.62 21.70 -3.24
CA PHE A 55 -14.38 21.63 -2.49
C PHE A 55 -13.58 22.90 -2.79
N SER A 56 -13.33 23.70 -1.75
CA SER A 56 -12.54 24.89 -1.92
C SER A 56 -11.06 24.57 -1.89
N LEU A 57 -10.37 24.91 -2.96
CA LEU A 57 -8.91 24.85 -3.02
C LEU A 57 -8.28 25.97 -2.20
N PHE A 58 -9.08 26.95 -1.77
CA PHE A 58 -8.61 28.12 -1.02
C PHE A 58 -8.86 28.01 0.49
N HIS A 59 -9.06 26.79 0.99
CA HIS A 59 -9.32 26.58 2.41
C HIS A 59 -8.24 27.20 3.32
N CYS A 60 -7.01 27.39 2.83
CA CYS A 60 -5.99 28.12 3.58
C CYS A 60 -5.65 29.48 2.99
N GLY A 61 -6.43 29.97 2.03
CA GLY A 61 -6.33 31.34 1.55
C GLY A 61 -5.21 31.59 0.57
N LEU A 62 -4.04 31.04 0.85
CA LEU A 62 -2.82 31.32 0.10
C LEU A 62 -2.64 30.25 -1.00
N LEU A 63 -3.29 30.46 -2.15
CA LEU A 63 -3.21 29.51 -3.26
C LEU A 63 -2.81 30.29 -4.51
N MET A 64 -1.61 30.04 -4.98
CA MET A 64 -1.05 30.81 -6.08
C MET A 64 -1.58 30.31 -7.42
N PRO A 65 -1.66 31.20 -8.42
CA PRO A 65 -2.29 30.83 -9.70
C PRO A 65 -1.70 29.58 -10.34
N GLY A 66 -0.38 29.41 -10.36
CA GLY A 66 0.21 28.24 -10.98
C GLY A 66 -0.14 26.95 -10.28
N CYS A 67 -0.42 27.03 -8.97
CA CYS A 67 -0.91 25.87 -8.24
C CYS A 67 -2.36 25.54 -8.61
N ARG A 68 -3.23 26.55 -8.60
CA ARG A 68 -4.63 26.33 -8.98
CA ARG A 68 -4.62 26.33 -8.97
C ARG A 68 -4.74 25.85 -10.42
N LYS A 69 -3.86 26.32 -11.32
CA LYS A 69 -3.87 25.86 -12.70
C LYS A 69 -3.75 24.35 -12.79
N HIS A 70 -2.79 23.75 -12.07
CA HIS A 70 -2.66 22.29 -12.04
C HIS A 70 -3.94 21.62 -11.58
N PHE A 71 -4.60 22.19 -10.55
CA PHE A 71 -5.78 21.56 -10.00
C PHE A 71 -6.94 21.63 -10.97
N ILE A 72 -7.09 22.75 -11.68
CA ILE A 72 -8.13 22.82 -12.71
C ILE A 72 -7.82 21.83 -13.80
N GLN A 73 -6.54 21.68 -14.16
CA GLN A 73 -6.17 20.72 -15.18
C GLN A 73 -6.58 19.32 -14.75
N ALA A 74 -6.30 18.98 -13.48
CA ALA A 74 -6.66 17.67 -12.93
C ALA A 74 -8.17 17.43 -12.97
N ILE A 75 -8.97 18.45 -12.62
CA ILE A 75 -10.43 18.34 -12.73
C ILE A 75 -10.85 18.06 -14.18
N CYS A 76 -10.27 18.81 -15.12
CA CYS A 76 -10.58 18.58 -16.54
C CYS A 76 -10.27 17.14 -16.94
N PHE A 77 -9.08 16.67 -16.58
CA PHE A 77 -8.66 15.31 -16.90
C PHE A 77 -9.64 14.30 -16.35
N TYR A 78 -9.91 14.37 -15.05
CA TYR A 78 -10.89 13.50 -14.40
C TYR A 78 -12.25 13.55 -15.10
N GLU A 79 -12.74 14.75 -15.43
CA GLU A 79 -14.08 14.92 -15.98
C GLU A 79 -14.17 14.68 -17.48
N CYS A 80 -13.07 14.85 -18.23
CA CYS A 80 -13.13 14.87 -19.69
C CYS A 80 -12.50 13.66 -20.37
N SER A 81 -11.51 13.05 -19.75
CA SER A 81 -10.71 12.04 -20.45
C SER A 81 -11.57 10.86 -20.85
N PRO A 82 -11.56 10.46 -22.12
CA PRO A 82 -12.21 9.21 -22.54
C PRO A 82 -11.29 8.00 -22.46
N ASN A 83 -10.13 8.15 -21.79
CA ASN A 83 -9.06 7.16 -21.78
C ASN A 83 -8.76 6.62 -20.37
N LEU A 84 -9.74 6.64 -19.49
CA LEU A 84 -9.58 6.18 -18.11
C LEU A 84 -10.22 4.83 -17.87
N GLY A 85 -10.86 4.25 -18.88
CA GLY A 85 -11.60 3.03 -18.74
C GLY A 85 -10.92 1.96 -17.91
N PRO A 86 -9.65 1.67 -18.19
CA PRO A 86 -8.98 0.57 -17.48
C PRO A 86 -8.93 0.78 -15.98
N TRP A 87 -9.21 2.01 -15.51
CA TRP A 87 -9.14 2.35 -14.09
C TRP A 87 -10.50 2.67 -13.50
N ILE A 88 -11.58 2.50 -14.27
CA ILE A 88 -12.92 2.74 -13.74
C ILE A 88 -13.30 1.63 -12.78
N GLN A 89 -13.74 2.01 -11.59
CA GLN A 89 -14.06 1.05 -10.54
C GLN A 89 -15.36 1.44 -9.86
N PRO A 90 -16.13 0.46 -9.37
CA PRO A 90 -17.25 0.78 -8.48
C PRO A 90 -16.77 1.57 -7.28
N VAL A 91 -17.53 2.61 -6.91
CA VAL A 91 -17.17 3.38 -5.72
C VAL A 91 -17.38 2.54 -4.46
N GLY A 104 -22.34 5.44 -9.87
CA GLY A 104 -21.65 4.75 -8.81
C GLY A 104 -20.30 4.25 -9.33
N GLU A 105 -19.58 5.09 -10.06
CA GLU A 105 -18.25 4.71 -10.53
C GLU A 105 -17.26 5.85 -10.32
N ARG A 106 -16.00 5.46 -10.26
CA ARG A 106 -14.89 6.38 -10.06
C ARG A 106 -13.70 5.84 -10.85
N VAL A 107 -12.53 6.46 -10.67
CA VAL A 107 -11.28 5.88 -11.13
C VAL A 107 -10.34 5.69 -9.94
N VAL A 108 -9.49 4.69 -10.06
CA VAL A 108 -8.52 4.37 -9.01
C VAL A 108 -7.17 4.11 -9.64
N ASN A 109 -6.15 4.84 -9.18
CA ASN A 109 -4.76 4.54 -9.49
C ASN A 109 -4.44 4.74 -10.98
N VAL A 110 -5.03 5.77 -11.57
CA VAL A 110 -4.60 6.19 -12.89
C VAL A 110 -3.11 6.56 -12.84
N PRO A 111 -2.22 5.92 -13.65
CA PRO A 111 -0.78 6.21 -13.55
C PRO A 111 -0.36 7.50 -14.22
N LEU A 112 -0.11 8.55 -13.44
CA LEU A 112 0.30 9.83 -13.99
C LEU A 112 1.82 9.89 -14.09
N CYS A 113 2.31 10.39 -15.22
CA CYS A 113 3.76 10.39 -15.47
C CYS A 113 4.46 11.23 -14.41
N GLN A 114 5.76 10.98 -14.27
CA GLN A 114 6.56 11.63 -13.24
C GLN A 114 6.50 13.14 -13.33
N GLU A 115 6.64 13.67 -14.55
CA GLU A 115 6.71 15.11 -14.78
C GLU A 115 5.42 15.81 -14.36
N ASP A 116 4.26 15.18 -14.58
CA ASP A 116 3.00 15.78 -14.20
C ASP A 116 2.95 16.02 -12.69
N CYS A 117 3.35 15.01 -11.91
CA CYS A 117 3.32 15.17 -10.45
C CYS A 117 4.48 16.05 -9.97
N GLU A 118 5.61 15.98 -10.65
CA GLU A 118 6.75 16.80 -10.26
C GLU A 118 6.47 18.28 -10.50
N GLU A 119 5.97 18.63 -11.69
CA GLU A 119 5.63 20.02 -11.98
C GLU A 119 4.51 20.53 -11.09
N TRP A 120 3.48 19.70 -10.89
CA TRP A 120 2.42 20.00 -9.95
C TRP A 120 2.97 20.33 -8.57
N TRP A 121 3.87 19.49 -8.06
CA TRP A 121 4.43 19.69 -6.73
C TRP A 121 5.24 20.98 -6.64
N GLU A 122 6.06 21.26 -7.64
CA GLU A 122 6.91 22.45 -7.65
C GLU A 122 6.09 23.71 -7.70
N ASP A 123 5.03 23.73 -8.50
CA ASP A 123 4.24 24.93 -8.67
C ASP A 123 3.33 25.22 -7.50
N CYS A 124 3.10 24.23 -6.64
CA CYS A 124 2.31 24.39 -5.44
C CYS A 124 3.16 24.48 -4.18
N ARG A 125 4.48 24.40 -4.30
CA ARG A 125 5.37 24.32 -3.16
C ARG A 125 5.09 25.40 -2.12
N MET A 126 4.76 26.61 -2.59
CA MET A 126 4.63 27.78 -1.72
C MET A 126 3.19 28.13 -1.36
N SER A 127 2.20 27.45 -1.93
CA SER A 127 0.81 27.60 -1.52
C SER A 127 0.59 26.89 -0.18
N TYR A 128 -0.59 27.12 0.43
CA TYR A 128 -0.85 26.67 1.79
C TYR A 128 -2.06 25.74 1.82
N THR A 129 -1.96 24.71 2.66
CA THR A 129 -3.00 23.74 2.93
C THR A 129 -2.92 23.40 4.41
N CYS A 130 -3.92 22.66 4.91
CA CYS A 130 -3.95 22.30 6.32
C CYS A 130 -4.04 20.80 6.55
N LYS A 131 -4.07 19.98 5.51
CA LYS A 131 -4.24 18.54 5.64
C LYS A 131 -3.39 17.81 4.61
N SER A 132 -2.80 16.70 5.05
CA SER A 132 -1.98 15.85 4.18
C SER A 132 -2.80 14.90 3.35
N ASN A 133 -4.01 14.59 3.79
CA ASN A 133 -4.92 13.74 3.05
C ASN A 133 -6.23 14.52 2.95
N TRP A 134 -6.63 14.83 1.72
CA TRP A 134 -7.80 15.65 1.52
C TRP A 134 -9.09 14.84 1.48
N ARG A 135 -9.04 13.54 1.71
CA ARG A 135 -10.25 12.73 1.82
C ARG A 135 -10.68 12.70 3.29
N GLY A 136 -11.79 13.36 3.58
CA GLY A 136 -12.36 13.39 4.91
C GLY A 136 -11.67 14.31 5.91
N GLY A 137 -12.34 14.52 7.04
CA GLY A 137 -11.82 15.36 8.10
C GLY A 137 -12.15 16.83 7.97
N TRP A 138 -12.75 17.21 6.86
CA TRP A 138 -13.09 18.61 6.64
C TRP A 138 -14.31 19.07 7.42
N ASP A 139 -14.34 20.35 7.73
CA ASP A 139 -15.45 20.95 8.44
C ASP A 139 -16.22 21.79 7.44
N TRP A 140 -17.38 21.28 7.05
CA TRP A 140 -18.49 21.57 6.16
C TRP A 140 -19.70 22.05 6.95
N SER A 141 -19.46 22.56 8.16
CA SER A 141 -20.55 23.03 9.01
C SER A 141 -21.31 24.21 8.42
N GLN A 142 -20.60 25.12 7.75
CA GLN A 142 -21.25 26.27 7.15
C GLN A 142 -21.14 26.28 5.65
N GLY A 143 -21.44 25.15 5.02
CA GLY A 143 -21.36 25.09 3.58
C GLY A 143 -20.03 24.59 3.07
N LYS A 144 -19.11 25.51 2.74
CA LYS A 144 -17.86 25.11 2.12
C LYS A 144 -17.03 24.27 3.08
N ASN A 145 -15.92 23.74 2.59
CA ASN A 145 -15.01 22.97 3.44
C ASN A 145 -14.00 23.89 4.12
N ARG A 146 -13.89 23.76 5.45
CA ARG A 146 -12.93 24.54 6.23
C ARG A 146 -11.99 23.60 6.96
N CYS A 147 -10.82 24.12 7.32
CA CYS A 147 -9.84 23.33 8.07
C CYS A 147 -10.35 22.97 9.46
N PRO A 148 -10.19 21.73 9.90
CA PRO A 148 -10.66 21.35 11.24
C PRO A 148 -9.76 21.92 12.32
N LYS A 149 -10.27 21.86 13.55
CA LYS A 149 -9.48 22.27 14.71
C LYS A 149 -8.19 21.45 14.80
N GLY A 150 -7.09 22.14 15.04
CA GLY A 150 -5.77 21.55 15.15
C GLY A 150 -4.97 21.65 13.87
N ALA A 151 -5.64 21.61 12.72
CA ALA A 151 -4.97 21.55 11.42
C ALA A 151 -4.54 22.95 11.04
N GLN A 152 -3.28 23.30 11.30
CA GLN A 152 -2.79 24.63 10.94
C GLN A 152 -2.40 24.65 9.47
N CYS A 153 -2.56 25.84 8.86
CA CYS A 153 -2.18 26.10 7.47
C CYS A 153 -0.69 26.29 7.34
N LEU A 154 -0.06 25.42 6.59
CA LEU A 154 1.37 25.43 6.34
C LEU A 154 1.59 25.27 4.83
N PRO A 155 2.80 25.46 4.33
CA PRO A 155 3.03 25.23 2.91
C PRO A 155 2.66 23.81 2.51
N PHE A 156 2.27 23.68 1.23
CA PHE A 156 2.05 22.37 0.63
C PHE A 156 3.23 21.44 0.85
N SER A 157 4.45 21.97 0.77
CA SER A 157 5.63 21.13 0.94
C SER A 157 5.68 20.47 2.31
N HIS A 158 4.97 21.01 3.29
CA HIS A 158 4.87 20.41 4.62
C HIS A 158 3.92 19.21 4.61
N TYR A 159 2.68 19.43 4.18
CA TYR A 159 1.65 18.39 4.18
C TYR A 159 1.81 17.40 3.03
N PHE A 160 2.41 17.82 1.91
CA PHE A 160 2.70 16.93 0.78
C PHE A 160 4.22 16.90 0.59
N PRO A 161 4.92 16.03 1.32
CA PRO A 161 6.40 16.07 1.28
C PRO A 161 6.98 15.79 -0.10
N THR A 162 6.36 14.91 -0.86
CA THR A 162 6.87 14.50 -2.17
C THR A 162 5.81 14.76 -3.22
N PRO A 163 6.20 14.76 -4.49
CA PRO A 163 5.19 14.82 -5.56
C PRO A 163 4.17 13.71 -5.46
N ALA A 164 4.61 12.50 -5.06
CA ALA A 164 3.69 11.37 -5.02
C ALA A 164 2.57 11.62 -4.04
N ASP A 165 2.89 12.19 -2.88
CA ASP A 165 1.87 12.52 -1.89
C ASP A 165 0.82 13.48 -2.47
N LEU A 166 1.27 14.53 -3.14
CA LEU A 166 0.32 15.48 -3.74
C LEU A 166 -0.57 14.80 -4.77
N CYS A 167 0.02 14.01 -5.66
CA CYS A 167 -0.75 13.40 -6.74
C CYS A 167 -1.75 12.40 -6.17
N GLU A 168 -1.27 11.57 -5.25
CA GLU A 168 -2.10 10.51 -4.69
C GLU A 168 -3.08 10.90 -3.59
N LYS A 169 -2.64 11.69 -2.62
CA LYS A 169 -3.51 12.04 -1.49
C LYS A 169 -4.48 13.22 -1.68
N THR A 170 -4.45 13.88 -2.83
CA THR A 170 -5.37 15.01 -3.05
C THR A 170 -6.69 14.52 -3.63
N TRP A 171 -6.64 13.48 -4.46
CA TRP A 171 -7.83 12.93 -5.10
C TRP A 171 -8.20 11.53 -4.60
N SER A 172 -7.92 11.23 -3.33
CA SER A 172 -8.27 9.94 -2.75
C SER A 172 -7.86 8.72 -3.57
N ASN A 173 -6.64 8.75 -4.07
CA ASN A 173 -6.11 7.63 -4.87
C ASN A 173 -6.68 7.43 -6.28
N SER A 174 -7.39 8.42 -6.78
CA SER A 174 -7.86 8.42 -8.15
C SER A 174 -6.62 8.41 -9.04
N PHE A 175 -5.54 8.99 -8.52
CA PHE A 175 -4.28 9.06 -9.22
C PHE A 175 -3.14 8.34 -8.49
N LYS A 176 -2.31 7.70 -9.30
CA LYS A 176 -1.09 7.03 -8.88
C LYS A 176 0.11 7.77 -9.46
N ALA A 177 1.09 8.07 -8.61
CA ALA A 177 2.30 8.72 -9.08
C ALA A 177 3.18 7.64 -9.72
N SER A 178 3.15 7.57 -11.05
CA SER A 178 3.98 6.62 -11.77
C SER A 178 5.46 6.97 -11.65
N PRO A 179 6.35 5.99 -11.57
CA PRO A 179 7.79 6.30 -11.70
C PRO A 179 8.19 6.60 -13.13
N GLU A 180 7.33 6.24 -14.10
CA GLU A 180 7.66 6.41 -15.51
C GLU A 180 7.56 7.87 -15.90
N ARG A 181 8.43 8.26 -16.83
CA ARG A 181 8.48 9.59 -17.41
C ARG A 181 7.54 9.68 -18.60
N ARG A 182 7.15 10.92 -18.91
CA ARG A 182 6.40 11.22 -20.12
C ARG A 182 7.10 10.68 -21.34
N ASN A 183 6.31 10.30 -22.35
CA ASN A 183 6.81 9.63 -23.55
C ASN A 183 7.38 8.24 -23.27
N SER A 184 7.15 7.68 -22.08
CA SER A 184 7.53 6.29 -21.84
C SER A 184 6.63 5.33 -22.59
N GLY A 185 5.38 5.70 -22.82
CA GLY A 185 4.37 4.77 -23.31
C GLY A 185 3.62 4.05 -22.23
N ARG A 186 3.84 4.38 -20.96
CA ARG A 186 3.38 3.58 -19.84
C ARG A 186 2.55 4.35 -18.82
N CYS A 187 2.40 5.66 -18.99
CA CYS A 187 1.82 6.53 -17.98
C CYS A 187 1.03 7.63 -18.67
N LEU A 188 0.06 8.20 -17.97
CA LEU A 188 -0.78 9.23 -18.57
C LEU A 188 -0.38 10.62 -18.08
N GLN A 189 -0.68 11.63 -18.91
CA GLN A 189 -0.54 13.02 -18.53
C GLN A 189 -1.91 13.56 -18.13
N LYS A 190 -1.93 14.38 -17.07
CA LYS A 190 -3.18 15.07 -16.74
C LYS A 190 -3.45 16.27 -17.65
N TRP A 191 -2.44 16.75 -18.36
CA TRP A 191 -2.62 17.82 -19.32
C TRP A 191 -1.55 17.68 -20.39
N PHE A 192 -1.84 18.21 -21.57
CA PHE A 192 -0.91 18.15 -22.69
C PHE A 192 -1.29 19.26 -23.64
N GLU A 193 -0.34 19.65 -24.49
CA GLU A 193 -0.59 20.67 -25.49
C GLU A 193 -1.64 20.18 -26.50
N PRO A 194 -2.70 20.94 -26.76
CA PRO A 194 -3.69 20.51 -27.76
C PRO A 194 -3.11 20.22 -29.15
N ALA A 195 -2.04 20.89 -29.58
CA ALA A 195 -1.61 20.78 -30.96
C ALA A 195 -0.85 19.49 -31.27
N GLN A 196 -0.16 18.88 -30.30
CA GLN A 196 0.71 17.74 -30.57
C GLN A 196 0.03 16.38 -30.46
N GLY A 197 -1.26 16.35 -30.18
CA GLY A 197 -2.00 15.11 -30.13
C GLY A 197 -2.03 14.55 -28.72
N ASN A 198 -2.90 13.57 -28.54
CA ASN A 198 -3.22 13.06 -27.22
C ASN A 198 -2.28 11.92 -26.86
N PRO A 199 -1.41 12.08 -25.86
CA PRO A 199 -0.48 11.00 -25.52
C PRO A 199 -1.10 9.89 -24.68
N ASN A 200 -2.36 10.00 -24.29
CA ASN A 200 -2.90 9.02 -23.37
C ASN A 200 -3.68 7.89 -24.06
N VAL A 201 -4.07 8.08 -25.31
CA VAL A 201 -4.83 7.07 -26.04
C VAL A 201 -4.08 5.75 -26.10
N ALA A 202 -2.84 5.78 -26.59
CA ALA A 202 -2.08 4.54 -26.79
C ALA A 202 -1.83 3.83 -25.48
N VAL A 203 -1.60 4.59 -24.40
CA VAL A 203 -1.38 3.99 -23.09
C VAL A 203 -2.64 3.30 -22.61
N ALA A 204 -3.78 3.97 -22.73
CA ALA A 204 -5.04 3.34 -22.37
C ALA A 204 -5.22 2.05 -23.17
N ARG A 205 -4.88 2.09 -24.45
CA ARG A 205 -5.07 0.90 -25.27
C ARG A 205 -4.24 -0.26 -24.72
N LEU A 206 -3.02 0.03 -24.28
CA LEU A 206 -2.15 -1.03 -23.75
C LEU A 206 -2.67 -1.60 -22.44
N PHE A 207 -3.28 -0.77 -21.58
CA PHE A 207 -3.83 -1.27 -20.33
C PHE A 207 -5.11 -2.08 -20.57
N ALA A 208 -5.92 -1.67 -21.55
CA ALA A 208 -7.16 -2.39 -21.86
C ALA A 208 -6.88 -3.81 -22.34
N SER A 209 -5.80 -4.01 -23.09
CA SER A 209 -5.41 -5.34 -23.62
C SER A 209 -4.42 -6.12 -22.75
N GLY B 1 -2.81 -26.36 19.10
CA GLY B 1 -4.09 -26.30 18.39
C GLY B 1 -3.99 -26.73 16.95
N ASP B 2 -3.13 -26.06 16.18
CA ASP B 2 -2.86 -26.48 14.81
C ASP B 2 -1.44 -26.07 14.42
N GLU B 3 -1.12 -26.30 13.14
CA GLU B 3 0.25 -26.32 12.64
C GLU B 3 0.96 -24.97 12.77
N LEU B 4 0.21 -23.87 12.85
CA LEU B 4 0.79 -22.53 12.89
C LEU B 4 1.27 -22.11 14.28
N LEU B 5 0.96 -22.86 15.32
CA LEU B 5 1.29 -22.49 16.69
C LEU B 5 2.64 -23.07 17.12
N ASN B 6 3.41 -22.27 17.85
CA ASN B 6 4.67 -22.72 18.46
C ASN B 6 5.63 -23.26 17.41
N ILE B 7 5.85 -22.48 16.36
CA ILE B 7 6.80 -22.84 15.33
C ILE B 7 7.78 -21.69 15.17
N CYS B 8 8.93 -22.00 14.60
CA CYS B 8 9.98 -21.05 14.28
C CYS B 8 10.11 -21.03 12.76
N MET B 9 10.32 -19.86 12.17
CA MET B 9 10.54 -19.80 10.73
C MET B 9 11.85 -20.48 10.36
N ASN B 10 11.91 -21.01 9.14
CA ASN B 10 13.16 -21.59 8.61
C ASN B 10 14.08 -20.47 8.14
N ALA B 11 14.78 -19.88 9.09
CA ALA B 11 15.79 -18.87 8.79
C ALA B 11 17.14 -19.31 9.37
N LYS B 12 18.17 -18.51 9.05
CA LYS B 12 19.56 -18.95 9.19
C LYS B 12 19.90 -19.43 10.60
N HIS B 13 19.54 -18.66 11.63
CA HIS B 13 19.90 -19.02 13.00
C HIS B 13 18.71 -19.50 13.82
N HIS B 14 17.49 -19.40 13.33
CA HIS B 14 16.36 -19.85 14.14
C HIS B 14 16.54 -21.29 14.57
N LYS B 15 16.19 -21.57 15.83
CA LYS B 15 16.06 -22.93 16.29
C LYS B 15 14.95 -23.62 15.50
N ARG B 16 15.12 -24.91 15.22
CA ARG B 16 14.12 -25.64 14.43
C ARG B 16 12.79 -25.73 15.15
N VAL B 17 12.81 -25.84 16.47
CA VAL B 17 11.59 -25.80 17.27
C VAL B 17 11.85 -24.92 18.48
N PRO B 18 10.86 -24.15 18.92
CA PRO B 18 11.06 -23.29 20.10
C PRO B 18 11.25 -24.12 21.35
N SER B 19 12.01 -23.57 22.29
CA SER B 19 12.18 -24.22 23.57
C SER B 19 12.75 -23.21 24.55
N PRO B 20 12.65 -23.49 25.85
CA PRO B 20 13.14 -22.54 26.85
C PRO B 20 14.64 -22.32 26.73
N GLU B 21 15.06 -21.15 27.17
CA GLU B 21 16.47 -20.77 27.22
C GLU B 21 16.77 -20.23 28.59
N ASP B 22 17.58 -20.95 29.36
CA ASP B 22 17.91 -20.56 30.73
C ASP B 22 18.50 -19.16 30.80
N LYS B 23 19.24 -18.78 29.76
CA LYS B 23 19.87 -17.47 29.72
C LYS B 23 19.75 -16.81 28.36
N LEU B 24 19.28 -15.58 28.38
CA LEU B 24 19.15 -14.77 27.18
C LEU B 24 19.64 -13.38 27.58
N TYR B 25 20.32 -12.70 26.66
CA TYR B 25 20.83 -11.36 26.92
C TYR B 25 19.66 -10.38 26.93
N GLU B 26 19.89 -9.25 27.61
CA GLU B 26 18.87 -8.32 28.10
C GLU B 26 17.59 -8.09 27.28
N GLU B 27 17.69 -7.61 26.04
CA GLU B 27 16.49 -7.15 25.34
C GLU B 27 15.70 -8.37 24.88
N CYS B 28 16.28 -9.55 24.93
CA CYS B 28 15.65 -10.79 24.50
C CYS B 28 15.02 -11.57 25.64
N ILE B 29 15.24 -11.14 26.88
CA ILE B 29 14.79 -11.83 28.09
C ILE B 29 13.30 -12.13 28.00
N PRO B 30 12.47 -11.31 27.36
CA PRO B 30 11.02 -11.62 27.36
C PRO B 30 10.65 -13.01 26.80
N TRP B 31 11.47 -13.58 25.90
CA TRP B 31 11.21 -14.87 25.25
C TRP B 31 11.91 -16.04 25.95
N LYS B 32 12.45 -15.80 27.15
CA LYS B 32 13.28 -16.77 27.87
C LYS B 32 12.54 -18.06 28.19
N ASP B 33 11.23 -17.98 28.37
CA ASP B 33 10.44 -19.16 28.69
C ASP B 33 10.21 -20.04 27.47
N ASN B 34 10.30 -19.49 26.25
CA ASN B 34 10.05 -20.29 25.04
C ASN B 34 10.52 -19.49 23.84
N ALA B 35 11.68 -19.86 23.29
CA ALA B 35 12.40 -19.00 22.37
C ALA B 35 12.75 -19.72 21.09
N CYS B 36 12.64 -19.00 19.97
CA CYS B 36 13.22 -19.47 18.71
C CYS B 36 14.69 -19.07 18.55
N CYS B 37 15.26 -18.39 19.52
CA CYS B 37 16.62 -17.88 19.44
C CYS B 37 17.54 -18.55 20.46
N THR B 38 18.76 -18.83 20.02
CA THR B 38 19.81 -19.36 20.88
C THR B 38 20.46 -18.26 21.72
N LEU B 39 21.22 -18.69 22.72
CA LEU B 39 21.98 -17.75 23.53
C LEU B 39 22.78 -16.82 22.64
N THR B 40 23.55 -17.38 21.71
CA THR B 40 24.42 -16.55 20.87
C THR B 40 23.64 -15.59 19.97
N THR B 41 22.50 -15.99 19.39
CA THR B 41 21.69 -15.02 18.65
C THR B 41 21.38 -13.82 19.53
N SER B 42 20.92 -14.07 20.76
CA SER B 42 20.62 -12.96 21.66
C SER B 42 21.85 -12.12 21.94
N TRP B 43 23.02 -12.75 22.11
CA TRP B 43 24.28 -12.02 22.25
C TRP B 43 24.55 -11.16 21.03
N GLU B 44 24.50 -11.76 19.83
CA GLU B 44 24.85 -11.04 18.62
C GLU B 44 23.88 -9.92 18.30
N ALA B 45 22.62 -10.03 18.74
CA ALA B 45 21.64 -8.96 18.53
C ALA B 45 22.06 -7.64 19.21
N HIS B 46 22.90 -7.70 20.25
CA HIS B 46 23.28 -6.56 21.06
C HIS B 46 24.66 -6.02 20.74
N LEU B 47 25.35 -6.60 19.77
CA LEU B 47 26.66 -6.10 19.34
C LEU B 47 26.53 -4.81 18.54
N ASP B 48 27.65 -4.10 18.50
CA ASP B 48 27.69 -2.77 17.89
C ASP B 48 27.09 -2.77 16.49
N VAL B 49 27.59 -3.67 15.65
CA VAL B 49 27.01 -3.96 14.34
C VAL B 49 26.81 -5.47 14.32
N SER B 50 25.57 -5.91 14.46
CA SER B 50 25.31 -7.33 14.66
C SER B 50 25.67 -8.13 13.41
N PRO B 51 26.36 -9.27 13.56
CA PRO B 51 26.58 -10.16 12.42
C PRO B 51 25.34 -10.92 12.00
N LEU B 52 24.23 -10.78 12.73
CA LEU B 52 23.01 -11.44 12.31
C LEU B 52 22.73 -11.12 10.85
N TYR B 53 22.83 -9.84 10.48
CA TYR B 53 22.50 -9.33 9.16
C TYR B 53 23.62 -8.51 8.53
N ASN B 54 24.74 -8.29 9.23
CA ASN B 54 25.79 -7.32 8.87
C ASN B 54 25.23 -5.95 8.50
N PHE B 55 24.14 -5.54 9.14
CA PHE B 55 23.53 -4.24 8.86
C PHE B 55 23.84 -3.30 10.02
N SER B 56 24.53 -2.20 9.72
CA SER B 56 24.80 -1.21 10.75
C SER B 56 23.64 -0.23 10.89
N LEU B 57 23.14 -0.08 12.11
CA LEU B 57 22.19 0.95 12.47
C LEU B 57 22.85 2.33 12.63
N PHE B 58 24.17 2.38 12.68
CA PHE B 58 24.95 3.60 12.80
C PHE B 58 25.45 4.10 11.46
N HIS B 59 24.72 3.81 10.36
CA HIS B 59 25.18 4.19 9.04
C HIS B 59 25.22 5.72 8.87
N CYS B 60 24.46 6.45 9.67
CA CYS B 60 24.57 7.91 9.73
C CYS B 60 25.17 8.42 11.05
N GLY B 61 25.78 7.56 11.84
CA GLY B 61 26.59 8.00 12.98
C GLY B 61 25.85 8.43 14.20
N LEU B 62 24.76 9.20 14.03
CA LEU B 62 23.96 9.73 15.14
C LEU B 62 22.76 8.80 15.37
N LEU B 63 22.93 7.83 16.28
CA LEU B 63 21.85 6.93 16.70
C LEU B 63 21.77 6.97 18.22
N MET B 64 20.64 7.48 18.74
CA MET B 64 20.51 7.63 20.18
C MET B 64 20.21 6.28 20.86
N PRO B 65 20.59 6.12 22.12
CA PRO B 65 20.42 4.80 22.78
C PRO B 65 19.00 4.27 22.80
N GLY B 66 17.99 5.13 22.98
CA GLY B 66 16.62 4.64 23.06
C GLY B 66 16.09 4.12 21.75
N CYS B 67 16.54 4.74 20.65
CA CYS B 67 16.26 4.24 19.32
C CYS B 67 16.94 2.91 19.05
N ARG B 68 18.25 2.81 19.34
CA ARG B 68 18.95 1.53 19.22
CA ARG B 68 18.96 1.54 19.22
C ARG B 68 18.29 0.45 20.06
N LYS B 69 17.83 0.81 21.28
CA LYS B 69 17.11 -0.15 22.11
C LYS B 69 15.90 -0.75 21.37
N HIS B 70 14.99 0.09 20.87
CA HIS B 70 13.87 -0.44 20.09
C HIS B 70 14.36 -1.36 18.96
N PHE B 71 15.44 -1.00 18.29
CA PHE B 71 15.91 -1.86 17.18
C PHE B 71 16.39 -3.22 17.68
N ILE B 72 17.15 -3.26 18.77
CA ILE B 72 17.55 -4.56 19.34
C ILE B 72 16.31 -5.33 19.79
N GLN B 73 15.34 -4.66 20.42
CA GLN B 73 14.09 -5.33 20.77
C GLN B 73 13.39 -5.94 19.55
N ALA B 74 13.42 -5.23 18.41
CA ALA B 74 12.75 -5.74 17.21
C ALA B 74 13.49 -6.95 16.64
N ILE B 75 14.83 -6.92 16.72
CA ILE B 75 15.66 -8.09 16.39
C ILE B 75 15.29 -9.27 17.29
N CYS B 76 15.31 -9.08 18.61
CA CYS B 76 14.93 -10.14 19.55
C CYS B 76 13.57 -10.76 19.22
N PHE B 77 12.55 -9.91 19.00
CA PHE B 77 11.21 -10.38 18.64
C PHE B 77 11.25 -11.24 17.38
N TYR B 78 11.94 -10.77 16.35
CA TYR B 78 12.03 -11.48 15.08
C TYR B 78 12.72 -12.83 15.25
N GLU B 79 13.83 -12.87 16.01
CA GLU B 79 14.64 -14.08 16.12
C GLU B 79 14.10 -15.04 17.18
N CYS B 80 13.37 -14.53 18.19
CA CYS B 80 13.03 -15.31 19.38
C CYS B 80 11.56 -15.70 19.48
N SER B 81 10.64 -14.93 18.90
CA SER B 81 9.23 -15.16 19.17
C SER B 81 8.81 -16.52 18.64
N PRO B 82 8.10 -17.32 19.45
CA PRO B 82 7.48 -18.54 18.92
C PRO B 82 6.04 -18.35 18.48
N ASN B 83 5.57 -17.10 18.34
CA ASN B 83 4.17 -16.77 18.06
C ASN B 83 4.01 -16.08 16.70
N LEU B 84 4.94 -16.29 15.77
CA LEU B 84 4.87 -15.65 14.47
C LEU B 84 4.33 -16.56 13.38
N GLY B 85 3.92 -17.79 13.74
CA GLY B 85 3.57 -18.81 12.77
C GLY B 85 2.60 -18.35 11.69
N PRO B 86 1.50 -17.73 12.11
CA PRO B 86 0.47 -17.33 11.14
C PRO B 86 0.96 -16.37 10.07
N TRP B 87 2.15 -15.78 10.24
CA TRP B 87 2.69 -14.83 9.29
C TRP B 87 3.94 -15.34 8.56
N ILE B 88 4.38 -16.57 8.86
CA ILE B 88 5.53 -17.14 8.16
C ILE B 88 5.18 -17.40 6.72
N GLN B 89 6.12 -17.12 5.83
CA GLN B 89 5.86 -17.20 4.41
C GLN B 89 7.13 -17.66 3.70
N PRO B 90 6.98 -18.30 2.54
CA PRO B 90 8.16 -18.50 1.66
C PRO B 90 8.71 -17.17 1.19
N VAL B 91 10.04 -17.05 1.18
CA VAL B 91 10.71 -15.84 0.72
C VAL B 91 10.51 -15.64 -0.78
N GLY B 104 14.26 -20.37 1.76
CA GLY B 104 13.80 -20.62 3.11
C GLY B 104 12.47 -19.93 3.45
N GLU B 105 12.38 -19.33 4.64
CA GLU B 105 11.12 -18.77 5.08
C GLU B 105 11.34 -17.42 5.75
N ARG B 106 10.32 -16.57 5.67
CA ARG B 106 10.35 -15.27 6.33
C ARG B 106 8.99 -15.06 6.98
N VAL B 107 8.77 -13.84 7.51
CA VAL B 107 7.47 -13.43 8.03
C VAL B 107 7.04 -12.16 7.30
N VAL B 108 5.74 -12.00 7.13
CA VAL B 108 5.18 -10.86 6.39
C VAL B 108 3.98 -10.30 7.14
N ASN B 109 4.00 -8.99 7.38
CA ASN B 109 2.86 -8.22 7.88
C ASN B 109 2.41 -8.64 9.27
N VAL B 110 3.37 -8.93 10.14
CA VAL B 110 3.11 -9.25 11.55
C VAL B 110 2.49 -8.00 12.18
N PRO B 111 1.28 -8.06 12.75
CA PRO B 111 0.64 -6.80 13.20
C PRO B 111 1.15 -6.30 14.54
N LEU B 112 2.00 -5.28 14.47
CA LEU B 112 2.51 -4.63 15.68
C LEU B 112 1.51 -3.60 16.19
N CYS B 113 1.29 -3.64 17.48
CA CYS B 113 0.37 -2.73 18.14
C CYS B 113 0.79 -1.27 17.96
N GLN B 114 -0.21 -0.39 18.01
CA GLN B 114 -0.01 1.02 17.75
C GLN B 114 1.11 1.58 18.62
N GLU B 115 1.06 1.31 19.92
CA GLU B 115 2.03 1.91 20.83
C GLU B 115 3.44 1.46 20.51
N ASP B 116 3.62 0.25 19.97
CA ASP B 116 4.97 -0.22 19.67
C ASP B 116 5.60 0.64 18.58
N CYS B 117 4.84 0.91 17.51
CA CYS B 117 5.38 1.70 16.41
C CYS B 117 5.47 3.18 16.81
N GLU B 118 4.51 3.66 17.62
CA GLU B 118 4.46 5.07 18.02
C GLU B 118 5.65 5.44 18.91
N GLU B 119 5.96 4.58 19.89
CA GLU B 119 7.07 4.83 20.80
C GLU B 119 8.41 4.68 20.09
N TRP B 120 8.54 3.63 19.30
CA TRP B 120 9.73 3.43 18.49
C TRP B 120 9.98 4.64 17.59
N TRP B 121 8.92 5.18 16.98
CA TRP B 121 9.07 6.37 16.14
C TRP B 121 9.51 7.58 16.97
N GLU B 122 8.81 7.83 18.10
CA GLU B 122 9.13 8.98 18.94
C GLU B 122 10.57 8.92 19.42
N ASP B 123 10.98 7.74 19.91
CA ASP B 123 12.31 7.55 20.47
C ASP B 123 13.40 7.61 19.41
N CYS B 124 13.04 7.52 18.13
CA CYS B 124 14.00 7.61 17.05
C CYS B 124 13.95 8.93 16.30
N ARG B 125 13.02 9.84 16.64
CA ARG B 125 12.79 11.04 15.84
C ARG B 125 14.09 11.80 15.58
N MET B 126 14.98 11.84 16.57
CA MET B 126 16.16 12.68 16.58
C MET B 126 17.43 11.97 16.11
N SER B 127 17.38 10.66 15.90
CA SER B 127 18.46 9.89 15.30
C SER B 127 18.53 10.16 13.79
N TYR B 128 19.57 9.68 13.13
CA TYR B 128 19.82 9.99 11.73
C TYR B 128 19.94 8.73 10.87
N THR B 129 19.33 8.82 9.69
CA THR B 129 19.32 7.79 8.65
C THR B 129 19.38 8.51 7.32
N CYS B 130 19.65 7.75 6.26
CA CYS B 130 19.81 8.33 4.94
C CYS B 130 18.90 7.68 3.92
N LYS B 131 18.02 6.78 4.34
CA LYS B 131 17.11 6.09 3.43
C LYS B 131 15.74 5.87 4.07
N SER B 132 14.69 6.00 3.23
CA SER B 132 13.31 5.81 3.69
CA SER B 132 13.31 5.81 3.69
C SER B 132 12.90 4.34 3.71
N ASN B 133 13.56 3.52 2.90
CA ASN B 133 13.35 2.07 2.87
C ASN B 133 14.70 1.39 2.93
N TRP B 134 14.95 0.66 4.00
CA TRP B 134 16.25 0.06 4.26
C TRP B 134 16.48 -1.23 3.50
N ARG B 135 15.46 -1.73 2.80
CA ARG B 135 15.56 -2.94 2.00
C ARG B 135 16.34 -2.54 0.75
N GLY B 136 17.62 -2.92 0.71
CA GLY B 136 18.44 -2.81 -0.47
C GLY B 136 19.00 -1.41 -0.75
N GLY B 137 19.96 -1.38 -1.67
CA GLY B 137 20.46 -0.13 -2.19
C GLY B 137 21.67 0.42 -1.47
N TRP B 138 22.07 -0.19 -0.35
CA TRP B 138 23.25 0.27 0.35
C TRP B 138 24.50 -0.08 -0.45
N ASP B 139 25.61 0.51 -0.04
CA ASP B 139 26.93 0.27 -0.62
C ASP B 139 27.70 -0.60 0.35
N TRP B 140 27.96 -1.84 -0.04
CA TRP B 140 28.70 -2.80 0.76
C TRP B 140 30.15 -2.93 0.32
N SER B 141 30.75 -1.82 -0.12
CA SER B 141 32.11 -1.85 -0.66
C SER B 141 33.15 -2.11 0.43
N GLN B 142 32.93 -1.57 1.63
CA GLN B 142 33.90 -1.66 2.72
C GLN B 142 33.40 -2.50 3.88
N GLY B 143 32.68 -3.58 3.59
CA GLY B 143 32.14 -4.46 4.62
C GLY B 143 30.77 -4.07 5.14
N LYS B 144 30.67 -2.95 5.85
CA LYS B 144 29.40 -2.49 6.39
C LYS B 144 28.65 -1.67 5.35
N ASN B 145 27.36 -1.46 5.60
CA ASN B 145 26.50 -0.70 4.72
C ASN B 145 26.74 0.79 4.89
N ARG B 146 27.09 1.46 3.81
CA ARG B 146 27.24 2.91 3.82
C ARG B 146 26.18 3.53 2.92
N CYS B 147 25.83 4.77 3.23
CA CYS B 147 24.85 5.47 2.42
C CYS B 147 25.40 5.68 1.01
N PRO B 148 24.59 5.47 -0.02
CA PRO B 148 25.04 5.69 -1.40
C PRO B 148 24.96 7.16 -1.78
N LYS B 149 25.47 7.45 -2.98
CA LYS B 149 25.52 8.81 -3.47
C LYS B 149 24.11 9.43 -3.50
N GLY B 150 24.04 10.70 -3.08
CA GLY B 150 22.82 11.47 -3.05
C GLY B 150 22.09 11.37 -1.74
N ALA B 151 22.21 10.24 -1.07
CA ALA B 151 21.46 9.92 0.14
C ALA B 151 22.08 10.68 1.30
N GLN B 152 21.51 11.82 1.64
CA GLN B 152 22.03 12.62 2.76
C GLN B 152 21.48 12.08 4.07
N CYS B 153 22.28 12.20 5.14
CA CYS B 153 21.86 11.80 6.49
C CYS B 153 20.98 12.89 7.09
N LEU B 154 19.74 12.54 7.35
CA LEU B 154 18.75 13.46 7.91
C LEU B 154 18.06 12.73 9.04
N PRO B 155 17.26 13.41 9.85
CA PRO B 155 16.55 12.73 10.92
C PRO B 155 15.55 11.69 10.41
N PHE B 156 15.33 10.68 11.28
CA PHE B 156 14.34 9.65 11.00
C PHE B 156 13.01 10.25 10.63
N SER B 157 12.61 11.32 11.30
CA SER B 157 11.32 11.93 11.03
C SER B 157 11.22 12.35 9.57
N HIS B 158 12.32 12.79 8.96
CA HIS B 158 12.30 13.08 7.52
C HIS B 158 12.01 11.81 6.73
N TYR B 159 12.88 10.80 6.83
CA TYR B 159 12.83 9.63 5.96
C TYR B 159 11.69 8.67 6.33
N PHE B 160 11.25 8.72 7.59
CA PHE B 160 10.15 7.89 8.10
C PHE B 160 9.10 8.84 8.67
N PRO B 161 8.25 9.42 7.82
CA PRO B 161 7.32 10.46 8.30
C PRO B 161 6.37 10.02 9.39
N THR B 162 5.95 8.77 9.39
CA THR B 162 4.99 8.26 10.36
C THR B 162 5.56 7.03 11.04
N PRO B 163 5.00 6.64 12.19
CA PRO B 163 5.39 5.35 12.82
C PRO B 163 5.20 4.16 11.89
N ALA B 164 4.09 4.12 11.15
CA ALA B 164 3.85 3.01 10.23
C ALA B 164 4.99 2.85 9.24
N ASP B 165 5.51 3.98 8.74
CA ASP B 165 6.65 3.92 7.83
C ASP B 165 7.82 3.22 8.49
N LEU B 166 8.20 3.67 9.69
CA LEU B 166 9.36 3.11 10.39
C LEU B 166 9.19 1.62 10.68
N CYS B 167 8.04 1.22 11.24
CA CYS B 167 7.80 -0.19 11.57
C CYS B 167 7.81 -1.06 10.32
N GLU B 168 7.31 -0.54 9.20
CA GLU B 168 7.05 -1.36 8.02
C GLU B 168 8.22 -1.36 7.04
N LYS B 169 8.94 -0.24 6.90
CA LYS B 169 9.96 -0.11 5.88
C LYS B 169 11.39 -0.34 6.38
N THR B 170 11.61 -0.52 7.69
CA THR B 170 12.93 -0.93 8.14
C THR B 170 13.15 -2.44 7.99
N TRP B 171 12.11 -3.22 8.24
CA TRP B 171 12.18 -4.68 8.15
C TRP B 171 11.47 -5.26 6.91
N SER B 172 11.42 -4.50 5.82
CA SER B 172 10.81 -4.98 4.58
C SER B 172 9.40 -5.55 4.71
N ASN B 173 8.56 -4.86 5.45
CA ASN B 173 7.18 -5.29 5.63
C ASN B 173 7.03 -6.57 6.45
N SER B 174 8.08 -6.95 7.15
CA SER B 174 8.02 -8.10 8.04
C SER B 174 7.00 -7.75 9.13
N PHE B 175 6.89 -6.45 9.40
CA PHE B 175 5.97 -5.94 10.41
C PHE B 175 4.92 -5.05 9.77
N LYS B 176 3.74 -5.07 10.35
CA LYS B 176 2.66 -4.23 9.88
C LYS B 176 2.26 -3.35 11.05
N ALA B 177 2.17 -2.05 10.80
CA ALA B 177 1.72 -1.12 11.84
C ALA B 177 0.21 -1.20 11.96
N SER B 178 -0.24 -1.99 12.93
CA SER B 178 -1.65 -2.16 13.19
C SER B 178 -2.24 -0.86 13.74
N PRO B 179 -3.45 -0.47 13.31
CA PRO B 179 -4.16 0.58 14.04
C PRO B 179 -4.59 0.15 15.44
N GLU B 180 -4.54 -1.15 15.76
CA GLU B 180 -5.02 -1.62 17.06
C GLU B 180 -4.02 -1.33 18.17
N ARG B 181 -4.56 -1.07 19.36
CA ARG B 181 -3.79 -0.66 20.53
C ARG B 181 -3.45 -1.87 21.39
N ARG B 182 -2.38 -1.74 22.15
CA ARG B 182 -2.00 -2.79 23.08
C ARG B 182 -3.21 -3.19 23.90
N ASN B 183 -3.27 -4.49 24.22
CA ASN B 183 -4.34 -5.11 25.00
C ASN B 183 -5.65 -5.24 24.24
N SER B 184 -5.69 -4.85 22.97
CA SER B 184 -6.91 -5.02 22.18
C SER B 184 -7.25 -6.48 21.98
N GLY B 185 -6.28 -7.36 22.11
CA GLY B 185 -6.37 -8.73 21.68
C GLY B 185 -6.14 -9.00 20.20
N ARG B 186 -5.60 -8.04 19.44
CA ARG B 186 -5.63 -8.10 17.98
C ARG B 186 -4.27 -7.87 17.32
N CYS B 187 -3.24 -7.55 18.11
CA CYS B 187 -1.96 -7.13 17.59
C CYS B 187 -0.90 -7.65 18.54
N LEU B 188 0.33 -7.71 18.03
CA LEU B 188 1.47 -8.18 18.82
C LEU B 188 2.36 -7.02 19.25
N GLN B 189 3.01 -7.18 20.40
CA GLN B 189 4.04 -6.26 20.85
C GLN B 189 5.41 -6.82 20.44
N LYS B 190 6.31 -5.95 19.99
CA LYS B 190 7.67 -6.39 19.71
C LYS B 190 8.50 -6.49 20.99
N TRP B 191 7.95 -6.03 22.11
CA TRP B 191 8.59 -6.16 23.41
C TRP B 191 7.51 -6.09 24.49
N PHE B 192 7.76 -6.77 25.60
CA PHE B 192 6.84 -6.73 26.74
C PHE B 192 7.62 -7.00 28.01
N GLU B 193 7.01 -6.60 29.13
CA GLU B 193 7.62 -6.77 30.44
C GLU B 193 7.64 -8.26 30.79
N PRO B 194 8.82 -8.85 31.01
CA PRO B 194 8.86 -10.30 31.20
C PRO B 194 7.91 -10.81 32.27
N ALA B 195 7.71 -10.04 33.34
CA ALA B 195 6.93 -10.53 34.48
C ALA B 195 5.43 -10.58 34.18
N GLN B 196 4.94 -9.70 33.32
CA GLN B 196 3.50 -9.65 33.05
C GLN B 196 2.92 -10.69 32.11
N GLY B 197 3.72 -11.68 31.73
CA GLY B 197 3.24 -12.73 30.86
C GLY B 197 3.27 -12.31 29.41
N ASN B 198 3.27 -13.30 28.53
CA ASN B 198 3.30 -13.01 27.10
C ASN B 198 1.95 -12.60 26.53
N PRO B 199 1.88 -11.30 26.05
CA PRO B 199 0.56 -10.92 25.51
C PRO B 199 0.35 -11.32 24.07
N ASN B 200 1.37 -11.90 23.44
CA ASN B 200 1.29 -12.28 22.04
C ASN B 200 0.76 -13.69 21.74
N VAL B 201 0.88 -14.59 22.70
CA VAL B 201 0.43 -15.97 22.49
C VAL B 201 -1.06 -16.02 22.10
N ALA B 202 -1.88 -15.28 22.84
CA ALA B 202 -3.32 -15.36 22.64
C ALA B 202 -3.70 -14.78 21.29
N VAL B 203 -2.98 -13.74 20.86
CA VAL B 203 -3.27 -13.13 19.56
C VAL B 203 -2.96 -14.11 18.46
N ALA B 204 -1.76 -14.68 18.47
CA ALA B 204 -1.41 -15.67 17.47
C ALA B 204 -2.43 -16.79 17.43
N ARG B 205 -2.82 -17.30 18.60
CA ARG B 205 -3.81 -18.35 18.63
C ARG B 205 -5.09 -17.96 17.90
N LEU B 206 -5.54 -16.71 18.05
CA LEU B 206 -6.69 -16.24 17.29
C LEU B 206 -6.40 -16.21 15.79
N PHE B 207 -5.19 -15.83 15.40
CA PHE B 207 -4.87 -15.79 13.98
C PHE B 207 -4.67 -17.19 13.40
N ALA B 208 -4.12 -18.13 14.19
CA ALA B 208 -3.91 -19.49 13.70
C ALA B 208 -5.23 -20.13 13.30
N SER B 209 -6.29 -19.82 14.03
CA SER B 209 -7.65 -20.24 13.70
C SER B 209 -8.26 -19.17 12.81
N GLY B 210 -9.50 -19.33 12.43
CA GLY B 210 -10.03 -18.29 11.60
C GLY B 210 -10.50 -17.06 12.33
N ARG B 211 -10.35 -16.95 13.65
CA ARG B 211 -11.05 -15.89 14.41
C ARG B 211 -10.46 -14.51 14.17
N LEU B 212 -9.24 -14.41 13.63
CA LEU B 212 -8.67 -13.17 13.12
C LEU B 212 -7.95 -13.50 11.83
N VAL B 213 -8.03 -12.58 10.86
CA VAL B 213 -7.40 -12.75 9.55
C VAL B 213 -6.61 -11.52 9.09
N GLU C 3 32.93 7.48 -9.14
CA GLU C 3 31.81 8.17 -9.76
C GLU C 3 31.16 7.29 -10.80
N LEU C 4 31.97 6.43 -11.41
CA LEU C 4 31.44 5.47 -12.38
C LEU C 4 30.68 4.34 -11.72
N LEU C 5 30.67 4.26 -10.40
CA LEU C 5 30.02 3.15 -9.71
C LEU C 5 28.58 3.52 -9.36
N ASN C 6 27.67 2.54 -9.48
CA ASN C 6 26.31 2.71 -9.02
C ASN C 6 25.66 3.87 -9.76
N ILE C 7 25.74 3.83 -11.10
CA ILE C 7 25.08 4.80 -11.97
C ILE C 7 24.30 4.07 -13.05
N CYS C 8 23.37 4.79 -13.69
CA CYS C 8 22.52 4.28 -14.75
C CYS C 8 22.75 5.08 -16.00
N MET C 9 22.89 4.39 -17.12
CA MET C 9 23.03 5.08 -18.39
C MET C 9 21.80 5.94 -18.68
N ASN C 10 22.03 7.07 -19.33
CA ASN C 10 20.96 7.98 -19.73
C ASN C 10 20.35 7.45 -21.03
N ALA C 11 19.48 6.45 -20.90
CA ALA C 11 18.78 5.86 -22.03
C ALA C 11 17.27 5.85 -21.78
N LYS C 12 16.52 5.48 -22.81
CA LYS C 12 15.08 5.78 -22.87
C LYS C 12 14.36 5.42 -21.58
N HIS C 13 14.55 4.19 -21.10
CA HIS C 13 13.73 3.66 -20.01
C HIS C 13 14.44 3.69 -18.65
N HIS C 14 15.73 4.03 -18.62
CA HIS C 14 16.55 3.90 -17.40
C HIS C 14 16.12 4.88 -16.32
N LYS C 15 16.10 4.38 -15.08
CA LYS C 15 15.97 5.25 -13.93
C LYS C 15 17.16 6.19 -13.87
N ARG C 16 16.92 7.40 -13.35
CA ARG C 16 17.99 8.39 -13.19
C ARG C 16 19.00 7.97 -12.15
N VAL C 17 18.54 7.30 -11.10
CA VAL C 17 19.42 6.80 -10.04
C VAL C 17 19.03 5.36 -9.77
N PRO C 18 19.98 4.46 -9.58
CA PRO C 18 19.64 3.10 -9.14
C PRO C 18 18.99 3.14 -7.78
N SER C 19 18.09 2.21 -7.56
CA SER C 19 17.44 2.11 -6.26
C SER C 19 16.85 0.73 -6.13
N PRO C 20 16.49 0.31 -4.92
CA PRO C 20 15.82 -0.98 -4.76
C PRO C 20 14.46 -0.97 -5.42
N GLU C 21 14.00 -2.16 -5.78
CA GLU C 21 12.67 -2.34 -6.37
C GLU C 21 11.98 -3.47 -5.60
N ASP C 22 10.82 -3.14 -5.00
CA ASP C 22 9.99 -4.13 -4.30
C ASP C 22 9.65 -5.31 -5.20
N LYS C 23 9.38 -5.05 -6.47
CA LYS C 23 8.89 -6.04 -7.42
C LYS C 23 9.62 -5.86 -8.74
N LEU C 24 10.20 -6.94 -9.24
CA LEU C 24 10.75 -7.07 -10.59
C LEU C 24 10.30 -8.41 -11.16
N TYR C 25 10.00 -8.45 -12.45
CA TYR C 25 9.52 -9.69 -13.05
C TYR C 25 10.67 -10.68 -13.20
N GLU C 26 10.27 -11.94 -13.31
CA GLU C 26 11.12 -13.12 -13.15
C GLU C 26 12.61 -13.02 -13.45
N GLU C 27 12.98 -12.74 -14.68
CA GLU C 27 14.38 -12.87 -15.12
C GLU C 27 15.16 -11.66 -14.63
N CYS C 28 14.47 -10.58 -14.30
CA CYS C 28 15.10 -9.37 -13.77
C CYS C 28 15.23 -9.38 -12.24
N ILE C 29 14.68 -10.39 -11.58
CA ILE C 29 14.71 -10.44 -10.12
C ILE C 29 16.13 -10.27 -9.57
N PRO C 30 17.21 -10.75 -10.24
CA PRO C 30 18.56 -10.59 -9.66
C PRO C 30 18.97 -9.17 -9.26
N TRP C 31 18.36 -8.13 -9.85
CA TRP C 31 18.78 -6.75 -9.63
C TRP C 31 17.89 -5.99 -8.65
N LYS C 32 16.86 -6.61 -8.07
CA LYS C 32 15.90 -5.85 -7.26
C LYS C 32 16.57 -5.07 -6.14
N ASP C 33 17.64 -5.60 -5.56
CA ASP C 33 18.24 -4.92 -4.42
C ASP C 33 18.73 -3.53 -4.79
N ASN C 34 19.13 -3.33 -6.05
CA ASN C 34 19.68 -2.04 -6.48
C ASN C 34 19.60 -1.98 -8.00
N ALA C 35 18.54 -1.36 -8.54
CA ALA C 35 18.13 -1.55 -9.92
C ALA C 35 18.07 -0.23 -10.68
N CYS C 36 18.54 -0.26 -11.94
CA CYS C 36 18.33 0.83 -12.88
C CYS C 36 17.06 0.67 -13.69
N CYS C 37 16.32 -0.40 -13.48
CA CYS C 37 15.11 -0.66 -14.23
C CYS C 37 13.89 -0.57 -13.32
N THR C 38 12.82 -0.03 -13.87
CA THR C 38 11.54 0.01 -13.19
C THR C 38 10.84 -1.33 -13.34
N LEU C 39 9.79 -1.48 -12.51
CA LEU C 39 8.89 -2.63 -12.60
C LEU C 39 8.36 -2.82 -14.01
N THR C 40 7.86 -1.74 -14.63
CA THR C 40 7.26 -1.88 -15.94
C THR C 40 8.28 -2.30 -17.00
N THR C 41 9.54 -1.83 -16.91
CA THR C 41 10.60 -2.32 -17.78
C THR C 41 10.77 -3.84 -17.65
N SER C 42 10.86 -4.32 -16.40
CA SER C 42 11.01 -5.76 -16.20
C SER C 42 9.78 -6.52 -16.70
N TRP C 43 8.58 -5.92 -16.60
CA TRP C 43 7.41 -6.47 -17.28
C TRP C 43 7.59 -6.48 -18.81
N GLU C 44 7.99 -5.37 -19.40
CA GLU C 44 8.06 -5.34 -20.87
C GLU C 44 9.21 -6.20 -21.37
N ALA C 45 10.22 -6.47 -20.52
CA ALA C 45 11.32 -7.38 -20.89
C ALA C 45 10.84 -8.80 -21.18
N HIS C 46 9.66 -9.18 -20.69
CA HIS C 46 9.13 -10.56 -20.78
C HIS C 46 7.96 -10.71 -21.76
N LEU C 47 7.56 -9.64 -22.46
CA LEU C 47 6.51 -9.73 -23.47
C LEU C 47 7.00 -10.48 -24.70
N ASP C 48 6.04 -10.96 -25.49
CA ASP C 48 6.37 -11.79 -26.65
C ASP C 48 7.31 -11.05 -27.60
N VAL C 49 6.91 -9.88 -28.03
CA VAL C 49 7.78 -8.94 -28.71
C VAL C 49 7.83 -7.73 -27.78
N SER C 50 9.00 -7.46 -27.23
CA SER C 50 9.12 -6.43 -26.18
C SER C 50 9.04 -5.04 -26.79
N PRO C 51 8.23 -4.14 -26.21
CA PRO C 51 8.20 -2.75 -26.69
C PRO C 51 9.41 -1.94 -26.29
N LEU C 52 10.39 -2.55 -25.62
CA LEU C 52 11.60 -1.83 -25.21
C LEU C 52 12.40 -1.40 -26.42
N TYR C 53 12.45 -2.25 -27.44
CA TYR C 53 13.17 -1.98 -28.68
C TYR C 53 12.33 -2.32 -29.90
N ASN C 54 11.11 -2.83 -29.70
CA ASN C 54 10.21 -3.28 -30.78
C ASN C 54 10.86 -4.34 -31.66
N PHE C 55 11.81 -5.11 -31.13
CA PHE C 55 12.57 -6.08 -31.91
C PHE C 55 12.04 -7.49 -31.65
N SER C 56 11.45 -8.12 -32.68
CA SER C 56 10.94 -9.48 -32.51
C SER C 56 12.07 -10.49 -32.61
N LEU C 57 12.23 -11.29 -31.58
CA LEU C 57 13.18 -12.38 -31.63
C LEU C 57 12.63 -13.58 -32.38
N PHE C 58 11.33 -13.55 -32.67
CA PHE C 58 10.63 -14.60 -33.38
C PHE C 58 10.55 -14.31 -34.87
N HIS C 59 11.51 -13.54 -35.40
CA HIS C 59 11.47 -13.18 -36.80
C HIS C 59 11.59 -14.42 -37.70
N CYS C 60 12.16 -15.52 -37.22
CA CYS C 60 12.16 -16.78 -37.96
C CYS C 60 11.23 -17.83 -37.34
N GLY C 61 10.35 -17.42 -36.43
CA GLY C 61 9.29 -18.29 -35.95
C GLY C 61 9.74 -19.37 -34.98
N LEU C 62 10.84 -20.06 -35.28
CA LEU C 62 11.41 -21.11 -34.42
C LEU C 62 12.42 -20.51 -33.45
N LEU C 63 11.98 -20.32 -32.21
CA LEU C 63 12.82 -19.81 -31.14
C LEU C 63 12.47 -20.61 -29.90
N MET C 64 13.42 -21.37 -29.40
CA MET C 64 13.10 -22.27 -28.30
C MET C 64 13.14 -21.58 -26.95
N PRO C 65 12.37 -22.07 -25.97
CA PRO C 65 12.30 -21.37 -24.67
C PRO C 65 13.64 -21.13 -24.00
N GLY C 66 14.50 -22.17 -23.97
CA GLY C 66 15.85 -22.00 -23.46
C GLY C 66 16.59 -20.85 -24.11
N CYS C 67 16.33 -20.60 -25.39
CA CYS C 67 17.02 -19.52 -26.06
C CYS C 67 16.44 -18.16 -25.68
N ARG C 68 15.12 -17.99 -25.84
CA ARG C 68 14.45 -16.75 -25.42
C ARG C 68 14.82 -16.35 -23.99
N LYS C 69 14.88 -17.31 -23.06
CA LYS C 69 15.24 -17.00 -21.68
C LYS C 69 16.53 -16.17 -21.61
N HIS C 70 17.54 -16.56 -22.39
CA HIS C 70 18.83 -15.87 -22.37
C HIS C 70 18.72 -14.43 -22.89
N PHE C 71 17.91 -14.23 -23.94
CA PHE C 71 17.68 -12.88 -24.46
C PHE C 71 16.92 -12.01 -23.46
N ILE C 72 15.89 -12.55 -22.82
CA ILE C 72 15.25 -11.79 -21.74
C ILE C 72 16.26 -11.46 -20.64
N GLN C 73 17.13 -12.41 -20.29
CA GLN C 73 18.10 -12.15 -19.23
C GLN C 73 19.09 -11.08 -19.65
N ALA C 74 19.39 -11.01 -20.96
CA ALA C 74 20.27 -9.96 -21.47
C ALA C 74 19.59 -8.59 -21.41
N ILE C 75 18.29 -8.53 -21.74
CA ILE C 75 17.49 -7.31 -21.60
C ILE C 75 17.54 -6.82 -20.17
N CYS C 76 17.24 -7.71 -19.23
CA CYS C 76 17.24 -7.34 -17.81
C CYS C 76 18.59 -6.77 -17.41
N PHE C 77 19.69 -7.47 -17.75
CA PHE C 77 21.04 -7.03 -17.39
C PHE C 77 21.29 -5.62 -17.91
N TYR C 78 21.08 -5.45 -19.21
CA TYR C 78 21.24 -4.16 -19.86
C TYR C 78 20.41 -3.07 -19.20
N GLU C 79 19.14 -3.36 -18.94
CA GLU C 79 18.25 -2.32 -18.45
C GLU C 79 18.37 -2.13 -16.93
N CYS C 80 18.81 -3.15 -16.18
CA CYS C 80 18.71 -3.14 -14.73
C CYS C 80 20.05 -2.92 -14.03
N SER C 81 21.17 -3.32 -14.62
CA SER C 81 22.44 -3.40 -13.90
C SER C 81 22.91 -2.00 -13.46
N PRO C 82 23.15 -1.79 -12.17
CA PRO C 82 23.79 -0.54 -11.75
C PRO C 82 25.32 -0.55 -11.85
N ASN C 83 25.91 -1.54 -12.53
CA ASN C 83 27.34 -1.79 -12.51
C ASN C 83 27.99 -1.73 -13.89
N LEU C 84 27.42 -0.96 -14.80
CA LEU C 84 27.93 -0.85 -16.16
C LEU C 84 28.68 0.47 -16.42
N GLY C 85 28.79 1.33 -15.42
CA GLY C 85 29.40 2.65 -15.55
C GLY C 85 30.68 2.74 -16.38
N PRO C 86 31.63 1.83 -16.14
CA PRO C 86 32.90 1.92 -16.86
C PRO C 86 32.76 1.75 -18.36
N TRP C 87 31.63 1.25 -18.87
CA TRP C 87 31.44 1.04 -20.29
C TRP C 87 30.40 1.95 -20.90
N ILE C 88 29.88 2.91 -20.13
CA ILE C 88 28.87 3.82 -20.66
C ILE C 88 29.55 4.81 -21.60
N GLN C 89 28.89 5.08 -22.72
CA GLN C 89 29.41 5.95 -23.76
C GLN C 89 28.27 6.82 -24.28
N PRO C 90 28.56 8.07 -24.67
CA PRO C 90 27.54 8.87 -25.38
C PRO C 90 27.19 8.25 -26.72
N VAL C 91 25.93 8.34 -27.10
CA VAL C 91 25.45 7.86 -28.40
C VAL C 91 25.96 8.79 -29.50
N GLY C 104 20.80 8.77 -25.86
CA GLY C 104 21.80 9.63 -25.25
C GLY C 104 23.06 8.88 -24.88
N GLU C 105 22.92 7.76 -24.17
CA GLU C 105 24.09 6.97 -23.82
C GLU C 105 23.82 5.51 -24.15
N ARG C 106 24.91 4.74 -24.19
CA ARG C 106 24.83 3.31 -24.38
C ARG C 106 25.95 2.67 -23.56
N VAL C 107 26.13 1.37 -23.69
CA VAL C 107 27.30 0.71 -23.11
C VAL C 107 28.04 0.01 -24.23
N VAL C 108 29.37 -0.09 -24.11
CA VAL C 108 30.22 -0.68 -25.15
C VAL C 108 31.26 -1.63 -24.56
N ASN C 109 31.24 -2.90 -24.99
CA ASN C 109 32.28 -3.89 -24.67
C ASN C 109 32.30 -4.25 -23.19
N VAL C 110 31.13 -4.26 -22.57
CA VAL C 110 30.98 -4.84 -21.23
C VAL C 110 31.48 -6.28 -21.31
N PRO C 111 32.54 -6.65 -20.58
CA PRO C 111 33.11 -8.01 -20.73
C PRO C 111 32.27 -9.12 -20.06
N LEU C 112 31.54 -9.90 -20.88
CA LEU C 112 30.73 -10.98 -20.38
C LEU C 112 31.58 -12.25 -20.24
N CYS C 113 31.41 -12.94 -19.11
CA CYS C 113 32.20 -14.12 -18.79
C CYS C 113 31.99 -15.21 -19.83
N GLN C 114 33.02 -16.05 -19.96
CA GLN C 114 33.02 -17.07 -20.99
C GLN C 114 31.84 -18.02 -20.86
N GLU C 115 31.46 -18.39 -19.64
CA GLU C 115 30.32 -19.28 -19.51
C GLU C 115 29.01 -18.62 -19.95
N ASP C 116 28.83 -17.33 -19.66
CA ASP C 116 27.58 -16.68 -20.01
C ASP C 116 27.33 -16.79 -21.50
N CYS C 117 28.33 -16.48 -22.31
CA CYS C 117 28.17 -16.53 -23.75
C CYS C 117 28.13 -17.96 -24.26
N GLU C 118 28.87 -18.86 -23.61
CA GLU C 118 28.86 -20.26 -24.05
C GLU C 118 27.48 -20.87 -23.81
N GLU C 119 26.96 -20.75 -22.58
CA GLU C 119 25.65 -21.32 -22.28
C GLU C 119 24.57 -20.72 -23.17
N TRP C 120 24.64 -19.40 -23.40
CA TRP C 120 23.73 -18.73 -24.33
C TRP C 120 23.79 -19.37 -25.71
N TRP C 121 25.01 -19.57 -26.22
CA TRP C 121 25.17 -20.17 -27.54
C TRP C 121 24.62 -21.58 -27.56
N GLU C 122 24.95 -22.40 -26.56
CA GLU C 122 24.47 -23.77 -26.57
C GLU C 122 22.95 -23.82 -26.62
N ASP C 123 22.27 -22.98 -25.84
CA ASP C 123 20.82 -23.06 -25.73
C ASP C 123 20.09 -22.45 -26.92
N CYS C 124 20.76 -21.64 -27.73
CA CYS C 124 20.16 -21.05 -28.92
C CYS C 124 20.52 -21.73 -30.24
N ARG C 125 21.48 -22.65 -30.28
CA ARG C 125 22.02 -23.13 -31.55
CA ARG C 125 22.01 -23.13 -31.56
C ARG C 125 20.94 -23.83 -32.40
N MET C 126 19.88 -24.35 -31.78
CA MET C 126 18.82 -25.01 -32.53
C MET C 126 17.63 -24.09 -32.88
N SER C 127 17.59 -22.88 -32.34
CA SER C 127 16.67 -21.84 -32.82
C SER C 127 17.16 -21.28 -34.15
N TYR C 128 16.30 -20.48 -34.80
CA TYR C 128 16.56 -19.97 -36.14
C TYR C 128 16.56 -18.43 -36.16
N THR C 129 17.40 -17.90 -37.04
CA THR C 129 17.49 -16.48 -37.33
C THR C 129 17.84 -16.38 -38.80
N CYS C 130 17.89 -15.14 -39.32
CA CYS C 130 18.14 -14.88 -40.72
C CYS C 130 19.19 -13.81 -40.94
N LYS C 131 19.84 -13.31 -39.89
CA LYS C 131 20.78 -12.22 -40.06
C LYS C 131 21.87 -12.31 -39.00
N SER C 132 23.11 -12.09 -39.45
CA SER C 132 24.26 -12.12 -38.55
C SER C 132 24.39 -10.82 -37.79
N ASN C 133 23.91 -9.73 -38.36
CA ASN C 133 24.00 -8.43 -37.70
C ASN C 133 22.59 -7.94 -37.40
N TRP C 134 22.21 -8.00 -36.13
CA TRP C 134 20.87 -7.61 -35.76
C TRP C 134 20.68 -6.11 -35.66
N ARG C 135 21.77 -5.35 -35.67
CA ARG C 135 21.68 -3.90 -35.70
C ARG C 135 21.45 -3.49 -37.14
N GLY C 136 20.21 -3.20 -37.48
CA GLY C 136 19.89 -2.64 -38.77
C GLY C 136 19.75 -3.68 -39.87
N GLY C 137 19.06 -3.27 -40.93
CA GLY C 137 18.93 -4.08 -42.12
C GLY C 137 17.68 -4.94 -42.20
N TRP C 138 16.75 -4.79 -41.26
CA TRP C 138 15.52 -5.58 -41.25
C TRP C 138 14.49 -4.95 -42.17
N ASP C 139 13.37 -5.66 -42.33
CA ASP C 139 12.22 -5.21 -43.13
C ASP C 139 11.07 -4.91 -42.17
N TRP C 140 10.90 -3.64 -41.81
CA TRP C 140 9.72 -3.18 -41.05
C TRP C 140 8.60 -2.68 -41.96
N ASN C 145 9.70 -6.30 -37.20
CA ASN C 145 10.86 -6.56 -38.05
C ASN C 145 10.74 -7.90 -38.74
N ARG C 146 10.92 -7.89 -40.05
CA ARG C 146 10.88 -9.10 -40.85
C ARG C 146 12.21 -9.30 -41.58
N CYS C 147 12.48 -10.54 -41.91
CA CYS C 147 13.72 -10.85 -42.60
C CYS C 147 13.70 -10.16 -43.96
N PRO C 148 14.80 -9.52 -44.36
CA PRO C 148 14.84 -8.86 -45.67
C PRO C 148 15.01 -9.88 -46.79
N LYS C 149 14.77 -9.42 -48.02
CA LYS C 149 14.94 -10.26 -49.21
C LYS C 149 16.32 -10.93 -49.23
N GLY C 150 16.32 -12.23 -49.50
CA GLY C 150 17.53 -13.03 -49.55
C GLY C 150 18.13 -13.42 -48.21
N ALA C 151 17.44 -13.17 -47.09
CA ALA C 151 17.96 -13.51 -45.76
C ALA C 151 17.23 -14.77 -45.31
N GLN C 152 17.84 -15.92 -45.54
CA GLN C 152 17.19 -17.20 -45.24
C GLN C 152 17.22 -17.47 -43.73
N CYS C 153 16.10 -17.99 -43.20
CA CYS C 153 16.06 -18.44 -41.81
C CYS C 153 16.86 -19.72 -41.70
N LEU C 154 17.89 -19.70 -40.84
CA LEU C 154 18.74 -20.87 -40.65
C LEU C 154 19.10 -20.95 -39.18
N PRO C 155 19.67 -22.07 -38.71
CA PRO C 155 19.97 -22.19 -37.28
C PRO C 155 20.87 -21.08 -36.80
N PHE C 156 20.70 -20.73 -35.53
CA PHE C 156 21.58 -19.73 -34.92
C PHE C 156 23.03 -20.08 -35.18
N SER C 157 23.33 -21.38 -35.23
CA SER C 157 24.70 -21.84 -35.43
C SER C 157 25.24 -21.39 -36.77
N HIS C 158 24.37 -21.18 -37.74
CA HIS C 158 24.80 -20.67 -39.03
C HIS C 158 25.21 -19.19 -38.96
N TYR C 159 24.32 -18.34 -38.48
CA TYR C 159 24.57 -16.89 -38.50
C TYR C 159 25.53 -16.41 -37.42
N PHE C 160 25.61 -17.14 -36.30
CA PHE C 160 26.52 -16.86 -35.19
C PHE C 160 27.42 -18.07 -34.99
N PRO C 161 28.49 -18.20 -35.77
CA PRO C 161 29.34 -19.41 -35.66
C PRO C 161 29.85 -19.71 -34.26
N THR C 162 30.13 -18.69 -33.45
CA THR C 162 30.81 -18.87 -32.18
C THR C 162 30.07 -18.12 -31.09
N PRO C 163 30.21 -18.54 -29.82
CA PRO C 163 29.55 -17.79 -28.73
C PRO C 163 29.86 -16.31 -28.73
N ALA C 164 31.07 -15.94 -29.14
CA ALA C 164 31.45 -14.53 -29.19
C ALA C 164 30.62 -13.79 -30.21
N ASP C 165 30.35 -14.43 -31.36
CA ASP C 165 29.48 -13.82 -32.36
C ASP C 165 28.08 -13.56 -31.76
N LEU C 166 27.49 -14.55 -31.09
CA LEU C 166 26.18 -14.34 -30.47
C LEU C 166 26.21 -13.18 -29.48
N CYS C 167 27.16 -13.19 -28.54
CA CYS C 167 27.23 -12.16 -27.50
C CYS C 167 27.40 -10.76 -28.08
N GLU C 168 28.26 -10.62 -29.08
CA GLU C 168 28.66 -9.32 -29.59
C GLU C 168 27.76 -8.81 -30.71
N LYS C 169 27.31 -9.69 -31.60
CA LYS C 169 26.65 -9.26 -32.83
C LYS C 169 25.15 -9.09 -32.70
N THR C 170 24.53 -9.55 -31.61
CA THR C 170 23.11 -9.32 -31.43
C THR C 170 22.79 -7.91 -30.93
N TRP C 171 23.73 -7.25 -30.25
CA TRP C 171 23.44 -5.97 -29.59
C TRP C 171 24.52 -4.93 -29.86
N SER C 172 24.86 -4.76 -31.14
CA SER C 172 25.81 -3.75 -31.59
C SER C 172 26.95 -3.57 -30.58
N ASN C 173 27.55 -4.67 -30.18
CA ASN C 173 28.78 -4.65 -29.39
C ASN C 173 28.59 -4.02 -28.02
N SER C 174 27.37 -4.03 -27.46
CA SER C 174 27.19 -3.64 -26.07
C SER C 174 27.97 -4.56 -25.13
N PHE C 175 28.11 -5.83 -25.51
CA PHE C 175 28.85 -6.84 -24.75
C PHE C 175 30.06 -7.27 -25.56
N LYS C 176 31.14 -7.54 -24.83
CA LYS C 176 32.31 -8.20 -25.34
C LYS C 176 32.39 -9.60 -24.73
N ALA C 177 32.56 -10.59 -25.57
CA ALA C 177 32.73 -11.95 -25.10
C ALA C 177 34.14 -12.12 -24.52
N SER C 178 34.24 -11.98 -23.20
CA SER C 178 35.51 -12.08 -22.49
C SER C 178 36.01 -13.53 -22.56
N PRO C 179 37.33 -13.74 -22.75
CA PRO C 179 37.89 -15.09 -22.56
C PRO C 179 37.93 -15.54 -21.10
N GLU C 180 37.70 -14.64 -20.14
CA GLU C 180 37.79 -14.96 -18.72
C GLU C 180 36.53 -15.72 -18.25
N ARG C 181 36.71 -16.54 -17.22
CA ARG C 181 35.63 -17.40 -16.74
C ARG C 181 34.89 -16.73 -15.59
N ARG C 182 33.67 -17.22 -15.33
CA ARG C 182 32.97 -16.77 -14.15
C ARG C 182 33.83 -16.95 -12.90
N ASN C 183 33.66 -16.05 -11.94
CA ASN C 183 34.39 -16.05 -10.67
C ASN C 183 35.88 -15.77 -10.85
N SER C 184 36.29 -15.25 -12.01
CA SER C 184 37.66 -14.80 -12.22
C SER C 184 37.92 -13.44 -11.59
N GLY C 185 36.86 -12.67 -11.36
CA GLY C 185 36.98 -11.29 -10.94
C GLY C 185 37.21 -10.31 -12.06
N ARG C 186 37.08 -10.74 -13.33
CA ARG C 186 37.49 -9.95 -14.48
C ARG C 186 36.38 -9.72 -15.51
N CYS C 187 35.21 -10.29 -15.26
CA CYS C 187 34.15 -10.32 -16.27
C CYS C 187 32.82 -10.30 -15.52
N LEU C 188 31.79 -9.85 -16.22
CA LEU C 188 30.46 -9.79 -15.67
C LEU C 188 29.60 -10.94 -16.19
N GLN C 189 28.64 -11.34 -15.37
CA GLN C 189 27.59 -12.27 -15.76
C GLN C 189 26.34 -11.48 -16.10
N LYS C 190 25.69 -11.89 -17.18
CA LYS C 190 24.40 -11.30 -17.49
C LYS C 190 23.29 -11.80 -16.58
N TRP C 191 23.52 -12.85 -15.79
CA TRP C 191 22.51 -13.38 -14.89
C TRP C 191 23.18 -14.13 -13.75
N PHE C 192 22.54 -14.13 -12.59
CA PHE C 192 23.15 -14.80 -11.46
C PHE C 192 22.08 -15.04 -10.41
N GLU C 193 22.31 -16.02 -9.56
CA GLU C 193 21.35 -16.33 -8.52
C GLU C 193 21.42 -15.26 -7.43
N PRO C 194 20.33 -14.53 -7.17
CA PRO C 194 20.36 -13.53 -6.08
C PRO C 194 20.95 -14.01 -4.76
N ALA C 195 20.71 -15.26 -4.36
CA ALA C 195 21.15 -15.73 -3.05
C ALA C 195 22.66 -15.86 -2.96
N GLN C 196 23.36 -16.01 -4.08
CA GLN C 196 24.81 -16.10 -4.06
C GLN C 196 25.49 -14.73 -4.05
N GLY C 197 24.72 -13.64 -4.09
CA GLY C 197 25.29 -12.32 -4.20
C GLY C 197 25.57 -11.92 -5.63
N ASN C 198 25.85 -10.62 -5.81
CA ASN C 198 26.06 -10.05 -7.12
C ASN C 198 27.54 -10.07 -7.46
N PRO C 199 27.99 -10.91 -8.38
CA PRO C 199 29.41 -11.05 -8.70
C PRO C 199 29.98 -9.96 -9.60
N ASN C 200 29.18 -8.97 -9.99
CA ASN C 200 29.62 -7.93 -10.90
C ASN C 200 30.12 -6.68 -10.19
N VAL C 201 29.65 -6.42 -8.98
CA VAL C 201 29.97 -5.19 -8.27
C VAL C 201 31.48 -5.04 -8.14
N ALA C 202 32.15 -6.08 -7.68
CA ALA C 202 33.60 -6.04 -7.48
C ALA C 202 34.33 -5.87 -8.81
N VAL C 203 33.80 -6.45 -9.88
CA VAL C 203 34.40 -6.28 -11.20
C VAL C 203 34.26 -4.82 -11.64
N ALA C 204 33.05 -4.25 -11.51
CA ALA C 204 32.87 -2.85 -11.84
C ALA C 204 33.82 -1.96 -11.06
N ARG C 205 34.00 -2.25 -9.76
CA ARG C 205 34.93 -1.50 -8.94
C ARG C 205 36.33 -1.50 -9.53
N LEU C 206 36.82 -2.67 -9.95
CA LEU C 206 38.17 -2.76 -10.48
C LEU C 206 38.29 -1.95 -11.75
N PHE C 207 37.27 -2.00 -12.61
CA PHE C 207 37.31 -1.22 -13.83
C PHE C 207 37.24 0.27 -13.52
N ALA C 208 36.46 0.64 -12.51
CA ALA C 208 36.30 2.05 -12.14
C ALA C 208 37.57 2.68 -11.55
N SER C 209 38.35 1.91 -10.79
CA SER C 209 39.60 2.39 -10.20
C SER C 209 40.80 2.19 -11.12
N GLY C 210 40.63 1.43 -12.20
CA GLY C 210 41.67 1.18 -13.15
C GLY C 210 42.44 -0.08 -12.90
N ARG C 211 42.08 -0.85 -11.87
CA ARG C 211 42.81 -2.08 -11.56
C ARG C 211 42.65 -3.10 -12.67
N LEU C 212 41.65 -2.92 -13.53
CA LEU C 212 41.50 -3.65 -14.76
C LEU C 212 41.35 -2.62 -15.87
N VAL C 213 41.96 -2.90 -17.00
CA VAL C 213 41.96 -2.03 -18.18
C VAL C 213 42.40 -0.62 -17.84
N GLY D 1 -21.10 23.81 14.17
CA GLY D 1 -21.06 22.60 14.97
C GLY D 1 -20.38 22.90 16.28
N ASP D 2 -20.20 21.89 17.14
CA ASP D 2 -19.52 22.15 18.42
C ASP D 2 -18.82 20.87 18.89
N GLU D 3 -18.35 20.92 20.12
CA GLU D 3 -17.42 19.92 20.64
C GLU D 3 -18.01 18.52 20.68
N LEU D 4 -19.34 18.41 20.72
CA LEU D 4 -20.06 17.13 20.77
C LEU D 4 -20.20 16.46 19.41
N LEU D 5 -19.77 17.09 18.34
CA LEU D 5 -19.91 16.56 17.00
C LEU D 5 -18.63 15.90 16.51
N ASN D 6 -18.80 14.77 15.81
CA ASN D 6 -17.72 14.04 15.14
C ASN D 6 -16.67 13.59 16.16
N ILE D 7 -17.13 12.85 17.17
CA ILE D 7 -16.26 12.35 18.23
C ILE D 7 -16.58 10.87 18.44
N CYS D 8 -15.62 10.17 19.02
CA CYS D 8 -15.72 8.76 19.38
C CYS D 8 -15.63 8.62 20.89
N MET D 9 -16.53 7.84 21.45
CA MET D 9 -16.50 7.59 22.89
C MET D 9 -15.20 6.89 23.27
N ASN D 10 -14.71 7.17 24.48
CA ASN D 10 -13.49 6.55 24.99
C ASN D 10 -13.79 5.19 25.62
N ALA D 11 -14.06 4.22 24.75
CA ALA D 11 -14.30 2.85 25.14
C ALA D 11 -13.24 1.94 24.52
N LYS D 12 -13.28 0.65 24.91
CA LYS D 12 -12.15 -0.27 24.73
C LYS D 12 -11.63 -0.30 23.31
N HIS D 13 -12.52 -0.32 22.34
CA HIS D 13 -12.16 -0.59 20.97
C HIS D 13 -12.17 0.67 20.10
N HIS D 14 -12.77 1.75 20.59
CA HIS D 14 -13.06 2.91 19.75
C HIS D 14 -11.78 3.61 19.31
N LYS D 15 -11.80 4.06 18.07
CA LYS D 15 -10.72 4.87 17.56
C LYS D 15 -10.69 6.18 18.32
N ARG D 16 -9.53 6.83 18.32
CA ARG D 16 -9.40 8.12 19.00
C ARG D 16 -10.13 9.21 18.26
N VAL D 17 -10.08 9.21 16.92
CA VAL D 17 -10.80 10.18 16.11
C VAL D 17 -11.47 9.43 14.95
N PRO D 18 -12.69 9.79 14.58
CA PRO D 18 -13.31 9.15 13.41
C PRO D 18 -12.56 9.50 12.15
N SER D 19 -12.43 8.53 11.25
CA SER D 19 -11.79 8.76 9.96
C SER D 19 -12.35 7.78 8.96
N PRO D 20 -12.01 7.92 7.68
CA PRO D 20 -12.49 6.96 6.69
C PRO D 20 -11.83 5.61 6.88
N GLU D 21 -12.52 4.57 6.42
CA GLU D 21 -12.00 3.22 6.47
C GLU D 21 -12.16 2.60 5.09
N ASP D 22 -11.04 2.23 4.47
CA ASP D 22 -11.06 1.64 3.14
C ASP D 22 -11.97 0.40 3.10
N LYS D 23 -12.02 -0.33 4.21
CA LYS D 23 -12.82 -1.53 4.28
C LYS D 23 -13.47 -1.74 5.65
N LEU D 24 -14.71 -2.22 5.62
CA LEU D 24 -15.49 -2.50 6.83
C LEU D 24 -16.40 -3.69 6.51
N TYR D 25 -16.53 -4.66 7.44
CA TYR D 25 -17.37 -5.84 7.18
C TYR D 25 -18.85 -5.49 7.04
N GLU D 26 -19.55 -6.29 6.26
CA GLU D 26 -20.90 -6.02 5.75
C GLU D 26 -21.86 -5.08 6.48
N GLU D 27 -22.18 -5.34 7.76
CA GLU D 27 -23.30 -4.67 8.40
C GLU D 27 -22.80 -3.32 8.89
N CYS D 28 -21.49 -3.13 8.95
CA CYS D 28 -20.81 -1.92 9.40
C CYS D 28 -20.50 -0.99 8.24
N ILE D 29 -20.80 -1.43 7.02
CA ILE D 29 -20.45 -0.63 5.83
C ILE D 29 -21.02 0.77 5.84
N PRO D 30 -22.23 1.03 6.41
CA PRO D 30 -22.75 2.40 6.35
C PRO D 30 -21.81 3.45 6.93
N TRP D 31 -20.93 3.11 7.87
CA TRP D 31 -20.11 4.14 8.53
C TRP D 31 -18.73 4.31 7.92
N LYS D 32 -18.47 3.69 6.77
CA LYS D 32 -17.13 3.71 6.18
C LYS D 32 -16.64 5.11 5.87
N ASP D 33 -17.53 6.05 5.58
CA ASP D 33 -17.06 7.38 5.24
C ASP D 33 -16.43 8.08 6.43
N ASN D 34 -16.81 7.71 7.64
CA ASN D 34 -16.36 8.43 8.81
C ASN D 34 -16.66 7.57 10.04
N ALA D 35 -15.70 6.72 10.44
CA ALA D 35 -15.98 5.65 11.39
C ALA D 35 -15.14 5.78 12.66
N CYS D 36 -15.79 5.49 13.80
CA CYS D 36 -15.15 5.27 15.08
C CYS D 36 -14.69 3.82 15.28
N CYS D 37 -14.97 2.94 14.34
CA CYS D 37 -14.59 1.53 14.45
C CYS D 37 -13.52 1.19 13.42
N THR D 38 -12.57 0.34 13.81
CA THR D 38 -11.52 -0.19 12.95
C THR D 38 -12.06 -1.34 12.09
N LEU D 39 -11.29 -1.70 11.07
CA LEU D 39 -11.62 -2.88 10.27
C LEU D 39 -11.82 -4.10 11.16
N THR D 40 -10.93 -4.34 12.13
CA THR D 40 -11.04 -5.53 12.96
C THR D 40 -12.22 -5.46 13.93
N THR D 41 -12.64 -4.28 14.38
CA THR D 41 -13.88 -4.20 15.13
C THR D 41 -15.06 -4.66 14.26
N SER D 42 -15.14 -4.16 13.02
CA SER D 42 -16.22 -4.60 12.15
C SER D 42 -16.15 -6.11 11.89
N TRP D 43 -14.95 -6.68 11.82
CA TRP D 43 -14.79 -8.13 11.70
C TRP D 43 -15.36 -8.85 12.91
N GLU D 44 -14.93 -8.47 14.11
CA GLU D 44 -15.33 -9.20 15.30
C GLU D 44 -16.81 -9.00 15.59
N ALA D 45 -17.40 -7.92 15.08
CA ALA D 45 -18.84 -7.69 15.22
C ALA D 45 -19.68 -8.78 14.55
N HIS D 46 -19.12 -9.53 13.58
CA HIS D 46 -19.87 -10.53 12.81
C HIS D 46 -19.58 -11.97 13.24
N LEU D 47 -18.77 -12.16 14.27
CA LEU D 47 -18.40 -13.50 14.72
C LEU D 47 -19.54 -14.12 15.53
N ASP D 48 -19.58 -15.45 15.54
CA ASP D 48 -20.71 -16.17 16.14
C ASP D 48 -21.03 -15.64 17.53
N VAL D 49 -20.03 -15.66 18.41
CA VAL D 49 -20.07 -14.95 19.67
C VAL D 49 -18.96 -13.92 19.57
N SER D 50 -19.34 -12.65 19.60
CA SER D 50 -18.38 -11.57 19.37
C SER D 50 -17.45 -11.42 20.56
N PRO D 51 -16.13 -11.34 20.35
CA PRO D 51 -15.20 -11.08 21.46
C PRO D 51 -15.23 -9.65 21.97
N LEU D 52 -16.02 -8.79 21.33
CA LEU D 52 -16.09 -7.39 21.74
C LEU D 52 -16.56 -7.28 23.17
N TYR D 53 -17.61 -8.03 23.51
CA TYR D 53 -18.21 -8.03 24.84
C TYR D 53 -18.30 -9.44 25.44
N ASN D 54 -17.97 -10.47 24.66
CA ASN D 54 -18.10 -11.87 25.08
C ASN D 54 -19.52 -12.23 25.47
N PHE D 55 -20.49 -11.61 24.82
CA PHE D 55 -21.91 -11.87 25.10
C PHE D 55 -22.48 -12.75 24.01
N SER D 56 -22.90 -13.95 24.36
CA SER D 56 -23.47 -14.82 23.36
C SER D 56 -24.95 -14.50 23.18
N LEU D 57 -25.33 -14.22 21.94
CA LEU D 57 -26.72 -14.06 21.55
C LEU D 57 -27.42 -15.39 21.30
N PHE D 58 -26.65 -16.48 21.31
CA PHE D 58 -27.18 -17.83 21.16
C PHE D 58 -27.34 -18.56 22.50
N HIS D 59 -27.48 -17.81 23.61
CA HIS D 59 -27.64 -18.38 24.94
C HIS D 59 -28.86 -19.30 25.05
N CYS D 60 -29.82 -19.19 24.12
CA CYS D 60 -30.93 -20.15 24.05
C CYS D 60 -30.97 -20.89 22.71
N GLY D 61 -29.90 -20.85 21.91
CA GLY D 61 -29.74 -21.74 20.77
C GLY D 61 -30.51 -21.31 19.53
N LEU D 62 -31.76 -20.90 19.71
CA LEU D 62 -32.66 -20.56 18.60
C LEU D 62 -32.58 -19.06 18.42
N LEU D 63 -31.68 -18.64 17.54
CA LEU D 63 -31.57 -17.26 17.10
C LEU D 63 -31.68 -17.29 15.58
N MET D 64 -32.66 -16.58 15.06
CA MET D 64 -32.90 -16.61 13.62
C MET D 64 -32.04 -15.57 12.90
N PRO D 65 -31.63 -15.86 11.65
CA PRO D 65 -30.74 -14.93 10.94
C PRO D 65 -31.18 -13.47 10.94
N GLY D 66 -32.44 -13.20 10.57
CA GLY D 66 -32.95 -11.82 10.57
C GLY D 66 -32.84 -11.11 11.90
N CYS D 67 -32.88 -11.85 13.00
CA CYS D 67 -32.73 -11.26 14.31
C CYS D 67 -31.27 -10.94 14.59
N ARG D 68 -30.38 -11.90 14.34
CA ARG D 68 -28.95 -11.69 14.53
C ARG D 68 -28.45 -10.54 13.66
N LYS D 69 -29.01 -10.37 12.46
CA LYS D 69 -28.68 -9.21 11.65
C LYS D 69 -28.87 -7.92 12.43
N HIS D 70 -30.05 -7.71 13.02
CA HIS D 70 -30.30 -6.46 13.73
C HIS D 70 -29.29 -6.24 14.86
N PHE D 71 -28.95 -7.32 15.60
CA PHE D 71 -28.00 -7.22 16.70
C PHE D 71 -26.60 -6.88 16.22
N ILE D 72 -26.17 -7.47 15.11
CA ILE D 72 -24.87 -7.09 14.54
C ILE D 72 -24.91 -5.63 14.08
N GLN D 73 -26.02 -5.20 13.45
CA GLN D 73 -26.13 -3.80 13.05
C GLN D 73 -26.02 -2.88 14.25
N ALA D 74 -26.66 -3.27 15.36
CA ALA D 74 -26.58 -2.53 16.60
C ALA D 74 -25.13 -2.42 17.11
N ILE D 75 -24.37 -3.51 17.01
CA ILE D 75 -22.95 -3.49 17.40
C ILE D 75 -22.18 -2.51 16.52
N CYS D 76 -22.38 -2.60 15.20
CA CYS D 76 -21.79 -1.65 14.25
C CYS D 76 -22.14 -0.20 14.59
N PHE D 77 -23.41 0.08 14.85
CA PHE D 77 -23.79 1.44 15.18
C PHE D 77 -23.02 1.94 16.41
N TYR D 78 -23.02 1.15 17.48
CA TYR D 78 -22.38 1.52 18.76
C TYR D 78 -20.88 1.75 18.58
N GLU D 79 -20.20 0.88 17.82
CA GLU D 79 -18.74 0.95 17.72
C GLU D 79 -18.28 1.92 16.64
N CYS D 80 -19.11 2.19 15.64
CA CYS D 80 -18.71 2.91 14.43
C CYS D 80 -19.26 4.33 14.32
N SER D 81 -20.41 4.63 14.91
CA SER D 81 -21.06 5.91 14.68
C SER D 81 -20.20 7.05 15.21
N PRO D 82 -19.95 8.09 14.42
CA PRO D 82 -19.27 9.28 14.93
C PRO D 82 -20.18 10.39 15.42
N ASN D 83 -21.48 10.12 15.50
CA ASN D 83 -22.51 11.10 15.79
C ASN D 83 -23.26 10.78 17.09
N LEU D 84 -22.60 10.13 18.03
CA LEU D 84 -23.21 9.80 19.33
C LEU D 84 -22.74 10.72 20.43
N GLY D 85 -21.95 11.75 20.10
CA GLY D 85 -21.35 12.62 21.09
C GLY D 85 -22.32 13.16 22.12
N PRO D 86 -23.48 13.64 21.66
CA PRO D 86 -24.43 14.23 22.60
C PRO D 86 -24.94 13.27 23.65
N TRP D 87 -24.75 11.96 23.50
CA TRP D 87 -25.23 11.01 24.50
C TRP D 87 -24.09 10.32 25.25
N ILE D 88 -22.84 10.71 25.00
CA ILE D 88 -21.70 10.10 25.65
C ILE D 88 -21.68 10.49 27.13
N GLN D 89 -21.26 9.55 27.97
CA GLN D 89 -21.22 9.78 29.40
C GLN D 89 -20.05 9.00 29.99
N PRO D 90 -19.45 9.48 31.08
CA PRO D 90 -18.40 8.70 31.74
C PRO D 90 -18.95 7.46 32.43
N VAL D 91 -18.14 6.40 32.45
CA VAL D 91 -18.48 5.18 33.18
C VAL D 91 -18.30 5.39 34.68
N GLY D 104 -14.51 3.13 30.79
CA GLY D 104 -14.27 4.56 30.79
C GLY D 104 -15.44 5.42 30.29
N GLU D 105 -15.96 5.21 29.07
CA GLU D 105 -17.04 6.02 28.55
C GLU D 105 -18.08 5.13 27.87
N ARG D 106 -19.31 5.62 27.83
CA ARG D 106 -20.44 4.89 27.26
C ARG D 106 -21.42 5.93 26.73
N VAL D 107 -22.55 5.44 26.20
CA VAL D 107 -23.64 6.30 25.76
C VAL D 107 -24.92 5.88 26.46
N VAL D 108 -25.79 6.85 26.71
CA VAL D 108 -27.06 6.66 27.42
C VAL D 108 -28.16 7.33 26.61
N ASN D 109 -29.25 6.60 26.34
CA ASN D 109 -30.51 7.18 25.85
C ASN D 109 -30.40 7.77 24.44
N VAL D 110 -29.57 7.17 23.59
CA VAL D 110 -29.49 7.54 22.17
C VAL D 110 -30.85 7.25 21.55
N PRO D 111 -31.55 8.22 20.94
CA PRO D 111 -32.96 7.98 20.61
C PRO D 111 -33.14 7.30 19.26
N LEU D 112 -33.44 6.01 19.31
CA LEU D 112 -33.60 5.20 18.12
C LEU D 112 -35.00 5.36 17.57
N CYS D 113 -35.08 5.57 16.26
CA CYS D 113 -36.33 5.81 15.57
C CYS D 113 -37.28 4.62 15.69
N GLN D 114 -38.58 4.94 15.61
CA GLN D 114 -39.64 3.98 15.86
C GLN D 114 -39.51 2.73 14.97
N GLU D 115 -39.21 2.91 13.68
CA GLU D 115 -39.10 1.80 12.74
C GLU D 115 -37.92 0.88 13.06
N ASP D 116 -36.83 1.46 13.56
CA ASP D 116 -35.64 0.66 13.88
C ASP D 116 -35.93 -0.36 14.97
N CYS D 117 -36.62 0.04 16.04
CA CYS D 117 -36.96 -0.89 17.10
C CYS D 117 -38.09 -1.81 16.69
N GLU D 118 -39.08 -1.28 15.97
CA GLU D 118 -40.21 -2.07 15.50
C GLU D 118 -39.77 -3.24 14.62
N GLU D 119 -38.95 -2.97 13.60
CA GLU D 119 -38.50 -4.05 12.74
C GLU D 119 -37.61 -5.01 13.51
N TRP D 120 -36.71 -4.47 14.33
CA TRP D 120 -35.88 -5.30 15.20
C TRP D 120 -36.74 -6.25 16.02
N TRP D 121 -37.79 -5.72 16.66
CA TRP D 121 -38.70 -6.56 17.43
C TRP D 121 -39.36 -7.62 16.55
N GLU D 122 -39.98 -7.18 15.45
CA GLU D 122 -40.67 -8.13 14.59
C GLU D 122 -39.74 -9.24 14.13
N ASP D 123 -38.53 -8.89 13.69
CA ASP D 123 -37.61 -9.89 13.17
C ASP D 123 -37.00 -10.76 14.27
N CYS D 124 -37.19 -10.42 15.54
CA CYS D 124 -36.71 -11.24 16.62
C CYS D 124 -37.79 -12.00 17.40
N ARG D 125 -39.07 -11.65 17.24
CA ARG D 125 -40.09 -12.12 18.17
C ARG D 125 -40.14 -13.65 18.26
N MET D 126 -39.72 -14.36 17.21
CA MET D 126 -39.75 -15.82 17.17
C MET D 126 -38.43 -16.47 17.59
N SER D 127 -37.41 -15.68 17.89
CA SER D 127 -36.20 -16.17 18.52
C SER D 127 -36.42 -16.30 20.02
N TYR D 128 -35.44 -16.88 20.71
CA TYR D 128 -35.61 -17.27 22.10
C TYR D 128 -34.53 -16.63 22.96
N THR D 129 -34.96 -16.21 24.15
CA THR D 129 -34.06 -15.66 25.17
C THR D 129 -34.59 -16.13 26.52
N CYS D 130 -33.83 -15.86 27.57
CA CYS D 130 -34.22 -16.33 28.89
C CYS D 130 -34.17 -15.23 29.96
N LYS D 131 -33.99 -13.98 29.57
CA LYS D 131 -33.93 -12.87 30.52
C LYS D 131 -34.51 -11.62 29.88
N SER D 132 -35.22 -10.84 30.69
CA SER D 132 -35.76 -9.55 30.27
C SER D 132 -34.75 -8.43 30.43
N ASN D 133 -33.77 -8.58 31.31
CA ASN D 133 -32.73 -7.59 31.51
C ASN D 133 -31.40 -8.29 31.23
N TRP D 134 -30.73 -7.86 30.15
CA TRP D 134 -29.49 -8.50 29.76
C TRP D 134 -28.27 -7.97 30.49
N ARG D 135 -28.40 -6.88 31.25
CA ARG D 135 -27.28 -6.33 32.01
C ARG D 135 -27.32 -6.98 33.38
N GLY D 136 -26.48 -8.00 33.56
CA GLY D 136 -26.34 -8.70 34.82
C GLY D 136 -27.33 -9.85 34.97
N GLY D 137 -27.03 -10.69 35.95
CA GLY D 137 -27.88 -11.83 36.23
C GLY D 137 -27.52 -13.11 35.48
N TRP D 138 -26.54 -13.07 34.57
CA TRP D 138 -26.11 -14.24 33.82
C TRP D 138 -25.23 -15.16 34.66
N ASP D 139 -25.02 -16.37 34.14
CA ASP D 139 -24.21 -17.37 34.82
C ASP D 139 -22.87 -17.46 34.09
N TRP D 140 -21.87 -16.77 34.62
CA TRP D 140 -20.52 -16.77 34.03
C TRP D 140 -19.62 -17.82 34.66
N ASN D 145 -21.64 -16.29 28.69
CA ASN D 145 -22.89 -16.15 29.44
C ASN D 145 -23.89 -17.26 29.10
N ARG D 146 -24.39 -17.89 30.15
CA ARG D 146 -25.42 -18.90 30.04
C ARG D 146 -26.62 -18.49 30.87
N CYS D 147 -27.79 -18.95 30.47
CA CYS D 147 -29.00 -18.66 31.22
C CYS D 147 -28.84 -19.14 32.67
N PRO D 148 -29.31 -18.37 33.65
CA PRO D 148 -29.17 -18.78 35.05
C PRO D 148 -30.25 -19.78 35.45
N LYS D 149 -30.12 -20.30 36.67
CA LYS D 149 -31.11 -21.21 37.21
C LYS D 149 -32.48 -20.55 37.23
N GLY D 150 -33.48 -21.27 36.72
CA GLY D 150 -34.86 -20.83 36.70
C GLY D 150 -35.20 -19.90 35.56
N ALA D 151 -34.24 -19.59 34.71
CA ALA D 151 -34.43 -18.68 33.59
C ALA D 151 -34.74 -19.54 32.37
N GLN D 152 -36.02 -19.71 32.08
CA GLN D 152 -36.42 -20.58 30.99
C GLN D 152 -36.25 -19.87 29.67
N CYS D 153 -35.82 -20.61 28.64
CA CYS D 153 -35.72 -20.06 27.30
C CYS D 153 -37.11 -20.00 26.70
N LEU D 154 -37.53 -18.79 26.34
CA LEU D 154 -38.88 -18.55 25.81
C LEU D 154 -38.79 -17.52 24.70
N PRO D 155 -39.84 -17.31 23.92
CA PRO D 155 -39.73 -16.42 22.75
C PRO D 155 -39.39 -15.00 23.17
N PHE D 156 -38.78 -14.24 22.24
CA PHE D 156 -38.46 -12.83 22.50
C PHE D 156 -39.70 -12.04 22.87
N SER D 157 -40.83 -12.36 22.22
CA SER D 157 -42.08 -11.69 22.53
C SER D 157 -42.49 -11.91 23.97
N HIS D 158 -42.02 -12.97 24.61
CA HIS D 158 -42.33 -13.18 26.00
C HIS D 158 -41.50 -12.29 26.91
N TYR D 159 -40.19 -12.24 26.69
CA TYR D 159 -39.30 -11.47 27.56
C TYR D 159 -39.21 -10.00 27.17
N PHE D 160 -39.47 -9.66 25.91
CA PHE D 160 -39.49 -8.27 25.44
C PHE D 160 -40.88 -8.01 24.85
N PRO D 161 -41.85 -7.69 25.68
CA PRO D 161 -43.24 -7.55 25.17
C PRO D 161 -43.42 -6.52 24.04
N THR D 162 -42.65 -5.44 24.04
CA THR D 162 -42.75 -4.34 23.08
C THR D 162 -41.39 -3.99 22.50
N PRO D 163 -41.37 -3.34 21.32
CA PRO D 163 -40.07 -3.00 20.71
C PRO D 163 -39.21 -2.12 21.60
N ALA D 164 -39.83 -1.28 22.43
CA ALA D 164 -39.06 -0.42 23.33
C ALA D 164 -38.26 -1.25 24.33
N ASP D 165 -38.88 -2.29 24.89
CA ASP D 165 -38.20 -3.18 25.82
C ASP D 165 -37.01 -3.87 25.15
N LEU D 166 -37.18 -4.29 23.90
CA LEU D 166 -36.07 -4.90 23.17
C LEU D 166 -34.95 -3.87 22.96
N CYS D 167 -35.31 -2.70 22.44
CA CYS D 167 -34.31 -1.69 22.12
C CYS D 167 -33.54 -1.23 23.35
N GLU D 168 -34.24 -1.10 24.49
CA GLU D 168 -33.69 -0.50 25.70
C GLU D 168 -33.05 -1.53 26.63
N LYS D 169 -33.65 -2.71 26.76
CA LYS D 169 -33.22 -3.66 27.79
C LYS D 169 -32.16 -4.65 27.32
N THR D 170 -31.86 -4.71 26.03
CA THR D 170 -30.78 -5.57 25.56
C THR D 170 -29.42 -4.93 25.77
N TRP D 171 -29.37 -3.59 25.80
CA TRP D 171 -28.15 -2.79 25.71
C TRP D 171 -28.03 -1.82 26.89
N SER D 172 -28.50 -2.22 28.06
CA SER D 172 -28.34 -1.44 29.31
C SER D 172 -28.70 0.04 29.10
N ASN D 173 -29.80 0.28 28.41
CA ASN D 173 -30.32 1.63 28.16
C ASN D 173 -29.35 2.52 27.38
N SER D 174 -28.46 1.92 26.59
CA SER D 174 -27.65 2.73 25.68
C SER D 174 -28.53 3.39 24.63
N PHE D 175 -29.59 2.71 24.23
CA PHE D 175 -30.58 3.22 23.30
C PHE D 175 -31.87 3.50 24.04
N LYS D 176 -32.54 4.55 23.63
CA LYS D 176 -33.88 4.91 24.07
C LYS D 176 -34.81 4.76 22.88
N ALA D 177 -35.92 4.05 23.07
CA ALA D 177 -36.85 3.82 21.97
C ALA D 177 -37.71 5.07 21.80
N SER D 178 -37.33 5.91 20.84
CA SER D 178 -38.09 7.12 20.59
C SER D 178 -39.42 6.81 19.93
N PRO D 179 -40.48 7.54 20.28
CA PRO D 179 -41.72 7.50 19.49
C PRO D 179 -41.62 8.18 18.13
N GLU D 180 -40.51 8.86 17.85
CA GLU D 180 -40.35 9.59 16.60
C GLU D 180 -39.99 8.63 15.48
N ARG D 181 -40.48 8.93 14.28
CA ARG D 181 -40.30 8.09 13.11
C ARG D 181 -39.03 8.48 12.36
N ARG D 182 -38.57 7.54 11.52
CA ARG D 182 -37.46 7.83 10.62
C ARG D 182 -37.77 9.03 9.76
N ASN D 183 -36.72 9.83 9.49
CA ASN D 183 -36.78 11.02 8.66
C ASN D 183 -37.59 12.14 9.33
N SER D 184 -37.89 12.00 10.63
CA SER D 184 -38.45 13.07 11.45
C SER D 184 -37.45 14.14 11.83
N GLY D 185 -36.17 13.87 11.67
CA GLY D 185 -35.14 14.79 12.12
C GLY D 185 -34.94 14.85 13.62
N ARG D 186 -35.47 13.85 14.34
CA ARG D 186 -35.52 13.86 15.79
C ARG D 186 -34.93 12.59 16.40
N CYS D 187 -34.60 11.60 15.61
CA CYS D 187 -34.15 10.30 16.09
C CYS D 187 -33.10 9.77 15.14
N LEU D 188 -32.31 8.83 15.61
CA LEU D 188 -31.23 8.19 14.87
C LEU D 188 -31.61 6.77 14.45
N GLN D 189 -31.17 6.38 13.25
CA GLN D 189 -31.30 4.99 12.79
C GLN D 189 -30.04 4.20 13.15
N LYS D 190 -30.24 3.01 13.69
CA LYS D 190 -29.09 2.15 13.95
C LYS D 190 -28.52 1.57 12.65
N TRP D 191 -29.26 1.68 11.55
CA TRP D 191 -28.78 1.19 10.27
C TRP D 191 -29.47 1.97 9.17
N PHE D 192 -28.71 2.23 8.12
CA PHE D 192 -29.22 2.97 6.97
C PHE D 192 -28.44 2.54 5.73
N GLU D 193 -29.06 2.76 4.58
CA GLU D 193 -28.42 2.52 3.29
C GLU D 193 -27.38 3.61 3.02
N PRO D 194 -26.10 3.28 2.84
CA PRO D 194 -25.13 4.34 2.53
C PRO D 194 -25.53 5.19 1.34
N ALA D 195 -26.22 4.63 0.35
CA ALA D 195 -26.50 5.40 -0.86
C ALA D 195 -27.45 6.57 -0.60
N GLN D 196 -28.28 6.50 0.45
CA GLN D 196 -29.24 7.55 0.78
C GLN D 196 -28.63 8.63 1.66
N GLY D 197 -27.39 8.47 2.06
CA GLY D 197 -26.77 9.39 2.99
C GLY D 197 -27.02 9.00 4.42
N ASN D 198 -26.28 9.66 5.31
CA ASN D 198 -26.35 9.38 6.73
C ASN D 198 -27.42 10.25 7.38
N PRO D 199 -28.55 9.69 7.83
CA PRO D 199 -29.62 10.52 8.41
C PRO D 199 -29.39 10.96 9.85
N ASN D 200 -28.30 10.53 10.49
CA ASN D 200 -28.11 10.78 11.90
C ASN D 200 -27.30 12.03 12.17
N VAL D 201 -26.46 12.43 11.21
CA VAL D 201 -25.59 13.59 11.39
C VAL D 201 -26.42 14.83 11.71
N ALA D 202 -27.49 15.04 10.95
CA ALA D 202 -28.27 16.25 11.14
C ALA D 202 -28.96 16.23 12.51
N VAL D 203 -29.40 15.06 12.96
CA VAL D 203 -29.96 14.92 14.31
C VAL D 203 -28.90 15.19 15.37
N ALA D 204 -27.72 14.63 15.19
CA ALA D 204 -26.64 14.94 16.13
C ALA D 204 -26.42 16.44 16.21
N ARG D 205 -26.40 17.12 15.06
CA ARG D 205 -26.19 18.56 15.06
C ARG D 205 -27.24 19.27 15.92
N LEU D 206 -28.51 18.86 15.79
CA LEU D 206 -29.57 19.52 16.54
C LEU D 206 -29.39 19.35 18.04
N PHE D 207 -29.03 18.13 18.49
CA PHE D 207 -28.80 17.87 19.91
C PHE D 207 -27.55 18.57 20.44
N ALA D 208 -26.54 18.73 19.58
CA ALA D 208 -25.29 19.37 19.97
C ALA D 208 -25.48 20.87 20.20
N SER D 209 -26.35 21.49 19.42
CA SER D 209 -26.62 22.91 19.57
C SER D 209 -27.74 23.20 20.58
N GLY D 210 -28.46 22.19 21.03
CA GLY D 210 -29.57 22.40 21.92
C GLY D 210 -30.92 22.58 21.23
N ARG D 211 -30.94 22.52 19.89
CA ARG D 211 -32.18 22.58 19.12
C ARG D 211 -33.10 21.42 19.45
N LEU D 212 -32.53 20.32 19.92
CA LEU D 212 -33.28 19.23 20.52
C LEU D 212 -32.68 18.94 21.89
N VAL D 213 -33.54 18.54 22.82
CA VAL D 213 -33.12 18.14 24.14
C VAL D 213 -33.53 16.68 24.38
#